data_3UE1
#
_entry.id   3UE1
#
_cell.length_a   119.210
_cell.length_b   244.290
_cell.length_c   49.470
_cell.angle_alpha   90.00
_cell.angle_beta   90.00
_cell.angle_gamma   90.00
#
_symmetry.space_group_name_H-M   'P 21 21 2'
#
loop_
_entity.id
_entity.type
_entity.pdbx_description
1 polymer 'Penicillin-binding protein 1a'
2 non-polymer '(4S,7Z)-7-(2-amino-1,3-thiazol-4-yl)-1-[({4-[(2R)-2,3-dihydroxypropyl]-3-(4,5-dihydroxypyridin-2-yl)-5-oxo-4,5-dihydro- 1H-1,2,4-triazol-1-yl}sulfonyl)amino]-4-formyl-10,10-dimethyl-1,6-dioxo-9-oxa-2,5,8-triazaundec-7-en-11-oate'
3 water water
#
_entity_poly.entity_id   1
_entity_poly.type   'polypeptide(L)'
_entity_poly.pdbx_seq_one_letter_code
;MHHHHHHENLYFQSHMLLKPLQVYTADNQLIAEYGGKLSIPVEYKQIPPNFIHAFLAAEDSSFFEHSGISFKGLGRALSE
SVTGSDVQTGGSTITMQVAKNYYLSPERTLKRKITEIFLARKIEQNLSKEDILSLYVNKIFLGKNAYGIAAAAKIYYNKS
INELSIAQMAMIAGLPKAPSKYNPVVNPERALERRNWILGRMLQLGYISQAEYQKAVAEPINLNMPNRDLNNIHPYAGEM
VRSELVKHFGEQAIDSGYKVYTTINAKRQAIAEKAVQDGLEAYDRRHGWRGAEAHDKPLSEFRAYANTYPAQVTKVNSSS
FEALMQDGSTVTVQWSGMSWARPYRNANSVGAAPSRASQIVKVKDIVRLRPNEAKTAWSLVQVPKVQGQLIAINPNDGSI
EAIVGGYNFYQSKFNRALQGWRQPGSTIKPFLYALALERGMTPYSMVNDSPITIGKWTPKNSDGRYLGMIPLRRALYLSR
NTVSVRLLQTVGIERTRQLFMDFGLQEDQIPRNYTIALGTPQVLPIQMATGYATFANGGYRVQPHFIQRIEDAYGKVIYE
AKPEYACIPCINAPETTDDAQVTTPDDQVVEVTNKELEQKEKTTKQLNLKQTDKNNSQYRQAQRILKSSSAYDMANILRD
VIEHGTGRAALKIGRSDLGGKTGTTNDAKDAWFAGFNGKLVTVTWVGFDQPTTLGRREYGGIAALPIWINFMGQALQGTP
AAWVRLEKDAQ
;
_entity_poly.pdbx_strand_id   A,B
#
loop_
_chem_comp.id
_chem_comp.type
_chem_comp.name
_chem_comp.formula
UE1 non-polymer '(4S,7Z)-7-(2-amino-1,3-thiazol-4-yl)-1-[({4-[(2R)-2,3-dihydroxypropyl]-3-(4,5-dihydroxypyridin-2-yl)-5-oxo-4,5-dihydro- 1H-1,2,4-triazol-1-yl}sulfonyl)amino]-4-formyl-10,10-dimethyl-1,6-dioxo-9-oxa-2,5,8-triazaundec-7-en-11-oate' 'C23 H27 N10 O13 S2 -1'
#
# COMPACT_ATOMS: atom_id res chain seq x y z
N LYS A 19 22.41 4.72 -6.60
CA LYS A 19 22.92 3.62 -5.77
C LYS A 19 21.97 2.36 -5.71
N PRO A 20 21.84 1.58 -6.83
CA PRO A 20 20.92 0.41 -6.79
C PRO A 20 21.55 -0.86 -6.24
N LEU A 21 20.71 -1.85 -5.89
CA LEU A 21 21.16 -3.18 -5.47
C LEU A 21 21.92 -3.76 -6.71
N GLN A 22 23.17 -4.11 -6.52
CA GLN A 22 24.01 -4.61 -7.59
C GLN A 22 24.31 -6.11 -7.38
N VAL A 23 24.21 -6.90 -8.48
CA VAL A 23 24.47 -8.35 -8.44
C VAL A 23 25.72 -8.66 -9.28
N TYR A 24 26.71 -9.32 -8.65
CA TYR A 24 27.97 -9.72 -9.29
C TYR A 24 28.17 -11.25 -9.27
N THR A 25 28.79 -11.80 -10.33
CA THR A 25 29.16 -13.23 -10.41
C THR A 25 30.49 -13.41 -9.67
N ALA A 26 30.98 -14.66 -9.54
CA ALA A 26 32.21 -14.97 -8.79
C ALA A 26 33.56 -14.36 -9.31
N ASP A 27 33.58 -13.78 -10.54
CA ASP A 27 34.76 -13.15 -11.15
C ASP A 27 34.79 -11.63 -10.94
N ASN A 28 33.77 -11.09 -10.20
CA ASN A 28 33.54 -9.68 -9.86
C ASN A 28 32.95 -8.88 -11.04
N GLN A 29 32.14 -9.54 -11.90
CA GLN A 29 31.48 -8.89 -13.03
C GLN A 29 30.00 -8.64 -12.77
N LEU A 30 29.54 -7.43 -13.12
CA LEU A 30 28.20 -6.96 -12.84
C LEU A 30 27.19 -7.57 -13.79
N ILE A 31 26.20 -8.31 -13.26
CA ILE A 31 25.18 -8.95 -14.09
C ILE A 31 23.78 -8.37 -13.96
N ALA A 32 23.46 -7.77 -12.79
CA ALA A 32 22.13 -7.18 -12.58
C ALA A 32 22.16 -5.93 -11.69
N GLU A 33 21.19 -5.01 -11.90
CA GLU A 33 20.99 -3.78 -11.13
C GLU A 33 19.50 -3.62 -10.80
N TYR A 34 19.19 -3.65 -9.52
CA TYR A 34 17.81 -3.51 -9.06
C TYR A 34 17.60 -2.20 -8.33
N GLY A 35 16.90 -1.28 -8.98
CA GLY A 35 16.62 0.06 -8.46
C GLY A 35 15.43 0.05 -7.52
N GLY A 36 15.60 0.66 -6.35
CA GLY A 36 14.56 0.76 -5.33
C GLY A 36 13.89 2.12 -5.29
N LYS A 37 13.85 2.72 -4.08
CA LYS A 37 13.29 4.05 -3.83
C LYS A 37 14.18 5.08 -4.52
N LEU A 38 13.57 6.00 -5.28
CA LEU A 38 14.28 7.01 -6.05
C LEU A 38 13.88 8.40 -5.58
N SER A 39 14.88 9.26 -5.40
CA SER A 39 14.73 10.62 -4.97
C SER A 39 15.85 11.41 -5.64
N ILE A 40 15.47 12.37 -6.51
CA ILE A 40 16.41 13.21 -7.23
C ILE A 40 16.08 14.63 -6.79
N PRO A 41 16.72 15.11 -5.72
CA PRO A 41 16.41 16.46 -5.22
C PRO A 41 16.72 17.53 -6.24
N VAL A 42 15.80 18.52 -6.39
CA VAL A 42 15.93 19.67 -7.27
C VAL A 42 15.79 20.95 -6.45
N GLU A 43 16.34 22.07 -6.93
CA GLU A 43 16.28 23.36 -6.23
C GLU A 43 14.97 24.04 -6.63
N TYR A 44 14.16 24.48 -5.64
CA TYR A 44 12.85 25.11 -5.92
C TYR A 44 12.88 26.06 -7.12
N LYS A 45 13.96 26.87 -7.23
CA LYS A 45 14.19 27.79 -8.35
C LYS A 45 14.22 27.08 -9.73
N GLN A 46 14.70 25.84 -9.79
CA GLN A 46 14.75 25.05 -11.04
C GLN A 46 13.38 24.48 -11.47
N ILE A 47 12.34 24.57 -10.58
CA ILE A 47 11.00 24.03 -10.87
C ILE A 47 10.21 24.87 -11.88
N PRO A 48 9.73 24.27 -13.01
CA PRO A 48 8.91 25.04 -13.95
C PRO A 48 7.68 25.62 -13.24
N PRO A 49 7.34 26.91 -13.47
CA PRO A 49 6.18 27.50 -12.75
C PRO A 49 4.86 26.79 -12.99
N ASN A 50 4.70 26.09 -14.12
CA ASN A 50 3.50 25.34 -14.44
C ASN A 50 3.32 24.13 -13.56
N PHE A 51 4.45 23.52 -13.10
CA PHE A 51 4.44 22.37 -12.20
C PHE A 51 3.96 22.77 -10.82
N ILE A 52 4.38 23.96 -10.37
CA ILE A 52 4.00 24.53 -9.09
C ILE A 52 2.50 24.82 -9.12
N HIS A 53 2.02 25.32 -10.26
CA HIS A 53 0.61 25.64 -10.47
C HIS A 53 -0.25 24.41 -10.51
N ALA A 54 0.29 23.29 -10.99
CA ALA A 54 -0.41 22.01 -11.04
C ALA A 54 -0.72 21.56 -9.62
N PHE A 55 0.29 21.63 -8.72
CA PHE A 55 0.12 21.30 -7.30
C PHE A 55 -0.84 22.27 -6.63
N LEU A 56 -0.74 23.57 -6.98
CA LEU A 56 -1.56 24.64 -6.44
C LEU A 56 -3.03 24.51 -6.80
N ALA A 57 -3.34 23.79 -7.89
CA ALA A 57 -4.69 23.57 -8.39
C ALA A 57 -5.15 22.13 -8.14
N ALA A 58 -4.34 21.34 -7.43
CA ALA A 58 -4.61 19.93 -7.13
C ALA A 58 -5.74 19.75 -6.13
N GLU A 59 -5.92 20.73 -5.21
CA GLU A 59 -6.96 20.67 -4.21
C GLU A 59 -7.88 21.85 -4.32
N ASP A 60 -9.16 21.67 -3.98
CA ASP A 60 -10.16 22.73 -4.05
C ASP A 60 -9.88 23.90 -3.05
N SER A 61 -9.47 23.57 -1.82
CA SER A 61 -9.20 24.59 -0.81
C SER A 61 -7.92 24.33 -0.07
N SER A 62 -7.27 25.44 0.34
CA SER A 62 -6.01 25.49 1.06
C SER A 62 -6.13 26.58 2.12
N PHE A 63 -5.76 26.26 3.37
CA PHE A 63 -5.86 27.17 4.52
C PHE A 63 -4.56 27.24 5.35
N PHE A 64 -3.37 26.91 4.75
CA PHE A 64 -2.08 26.90 5.46
C PHE A 64 -1.65 28.29 6.01
N GLN A 125 -4.49 33.97 -4.77
CA GLN A 125 -4.87 32.81 -3.95
C GLN A 125 -3.87 31.61 -4.09
N ASN A 126 -3.84 30.72 -3.06
CA ASN A 126 -2.96 29.54 -2.93
C ASN A 126 -1.50 29.93 -2.60
N LEU A 127 -1.28 31.19 -2.18
CA LEU A 127 0.00 31.78 -1.80
C LEU A 127 0.77 30.99 -0.74
N SER A 128 0.10 30.62 0.39
CA SER A 128 0.76 29.88 1.47
C SER A 128 1.12 28.43 1.11
N LYS A 129 0.33 27.78 0.22
CA LYS A 129 0.66 26.42 -0.22
C LYS A 129 1.93 26.50 -1.04
N GLU A 130 2.08 27.60 -1.83
CA GLU A 130 3.29 27.81 -2.63
C GLU A 130 4.54 27.92 -1.76
N ASP A 131 4.46 28.67 -0.63
CA ASP A 131 5.61 28.78 0.27
C ASP A 131 5.92 27.46 0.99
N ILE A 132 4.88 26.66 1.37
CA ILE A 132 5.08 25.39 2.10
C ILE A 132 5.50 24.23 1.20
N LEU A 133 5.20 24.33 -0.10
CA LEU A 133 5.48 23.28 -1.08
C LEU A 133 6.97 22.95 -1.16
N SER A 134 7.85 23.97 -1.00
CA SER A 134 9.31 23.78 -1.01
C SER A 134 9.82 22.79 -0.01
N LEU A 135 9.11 22.64 1.13
CA LEU A 135 9.46 21.67 2.17
C LEU A 135 9.15 20.23 1.77
N TYR A 136 8.26 20.00 0.77
CA TYR A 136 7.82 18.66 0.44
C TYR A 136 8.06 18.22 -0.98
N VAL A 137 8.28 19.17 -1.87
CA VAL A 137 8.44 18.94 -3.30
C VAL A 137 9.51 17.87 -3.72
N ASN A 138 10.48 17.55 -2.83
CA ASN A 138 11.54 16.56 -3.11
C ASN A 138 11.35 15.24 -2.35
N LYS A 139 10.37 15.22 -1.42
CA LYS A 139 10.09 14.05 -0.60
C LYS A 139 8.69 13.43 -0.76
N ILE A 140 7.71 14.17 -1.34
CA ILE A 140 6.36 13.63 -1.55
C ILE A 140 6.45 12.29 -2.27
N PHE A 141 5.82 11.26 -1.70
CA PHE A 141 5.75 9.94 -2.30
C PHE A 141 4.72 10.02 -3.40
N LEU A 142 5.08 9.60 -4.63
CA LEU A 142 4.21 9.72 -5.78
C LEU A 142 3.91 8.38 -6.50
N GLY A 143 3.99 7.29 -5.76
CA GLY A 143 3.75 5.97 -6.30
C GLY A 143 4.97 5.38 -6.97
N LYS A 144 4.94 4.06 -7.20
CA LYS A 144 5.97 3.29 -7.91
C LYS A 144 7.41 3.68 -7.55
N ASN A 145 7.72 3.78 -6.23
CA ASN A 145 9.05 4.11 -5.66
C ASN A 145 9.57 5.53 -5.92
N ALA A 146 8.68 6.44 -6.38
CA ALA A 146 9.04 7.82 -6.70
C ALA A 146 8.82 8.76 -5.51
N TYR A 147 9.92 9.37 -5.05
CA TYR A 147 9.90 10.36 -3.97
C TYR A 147 10.40 11.68 -4.54
N GLY A 148 9.50 12.65 -4.58
CA GLY A 148 9.80 13.96 -5.15
C GLY A 148 9.43 14.00 -6.63
N ILE A 149 9.22 15.21 -7.13
CA ILE A 149 8.82 15.50 -8.50
C ILE A 149 9.76 14.99 -9.57
N ALA A 150 11.10 15.13 -9.38
CA ALA A 150 12.08 14.62 -10.37
C ALA A 150 12.08 13.08 -10.50
N ALA A 151 11.92 12.35 -9.37
CA ALA A 151 11.83 10.88 -9.39
C ALA A 151 10.56 10.40 -10.10
N ALA A 152 9.43 11.15 -9.97
CA ALA A 152 8.17 10.81 -10.66
C ALA A 152 8.27 11.06 -12.18
N ALA A 153 8.97 12.16 -12.56
CA ALA A 153 9.18 12.51 -13.96
C ALA A 153 10.02 11.41 -14.65
N LYS A 154 11.07 10.94 -13.95
CA LYS A 154 11.97 9.89 -14.42
C LYS A 154 11.29 8.52 -14.48
N ILE A 155 10.62 8.09 -13.39
CA ILE A 155 9.91 6.80 -13.30
C ILE A 155 8.73 6.66 -14.28
N TYR A 156 7.86 7.66 -14.35
CA TYR A 156 6.67 7.62 -15.20
C TYR A 156 6.86 7.98 -16.67
N TYR A 157 7.79 8.92 -16.97
CA TYR A 157 7.90 9.41 -18.35
C TYR A 157 9.28 9.39 -18.98
N ASN A 158 10.31 9.01 -18.21
CA ASN A 158 11.70 9.01 -18.65
C ASN A 158 12.14 10.45 -19.02
N LYS A 159 11.62 11.42 -18.24
CA LYS A 159 11.83 12.85 -18.44
C LYS A 159 12.43 13.59 -17.24
N SER A 160 12.99 14.77 -17.52
CA SER A 160 13.45 15.73 -16.53
C SER A 160 12.18 16.57 -16.27
N ILE A 161 12.06 17.22 -15.09
CA ILE A 161 10.88 18.04 -14.78
C ILE A 161 10.52 19.08 -15.85
N ASN A 162 11.55 19.70 -16.46
CA ASN A 162 11.46 20.73 -17.52
C ASN A 162 10.98 20.23 -18.89
N GLU A 163 11.00 18.90 -19.12
CA GLU A 163 10.55 18.31 -20.39
C GLU A 163 9.07 17.89 -20.28
N LEU A 164 8.49 17.87 -19.06
CA LEU A 164 7.09 17.48 -18.87
C LEU A 164 6.12 18.48 -19.50
N SER A 165 5.04 17.95 -20.10
CA SER A 165 3.96 18.75 -20.67
C SER A 165 3.02 19.15 -19.52
N ILE A 166 2.17 20.17 -19.72
CA ILE A 166 1.22 20.62 -18.70
C ILE A 166 0.39 19.43 -18.21
N ALA A 167 -0.05 18.54 -19.13
CA ALA A 167 -0.82 17.34 -18.78
C ALA A 167 -0.02 16.39 -17.88
N GLN A 168 1.29 16.25 -18.13
CA GLN A 168 2.13 15.39 -17.30
C GLN A 168 2.37 15.94 -15.89
N MET A 169 2.48 17.28 -15.76
CA MET A 169 2.63 17.97 -14.48
C MET A 169 1.32 17.84 -13.67
N ALA A 170 0.15 18.02 -14.34
CA ALA A 170 -1.17 17.83 -13.74
C ALA A 170 -1.34 16.36 -13.27
N MET A 171 -0.85 15.37 -14.08
CA MET A 171 -0.97 13.96 -13.74
C MET A 171 -0.27 13.66 -12.43
N ILE A 172 1.01 14.08 -12.32
CA ILE A 172 1.86 13.92 -11.14
C ILE A 172 1.28 14.65 -9.93
N ALA A 173 0.83 15.90 -10.09
CA ALA A 173 0.27 16.69 -8.99
C ALA A 173 -0.98 16.04 -8.36
N GLY A 174 -1.64 15.17 -9.13
CA GLY A 174 -2.83 14.46 -8.68
C GLY A 174 -2.55 13.31 -7.74
N LEU A 175 -1.33 12.75 -7.83
CA LEU A 175 -0.89 11.59 -7.06
C LEU A 175 -0.69 11.72 -5.53
N PRO A 176 -0.16 12.82 -4.92
CA PRO A 176 0.08 12.82 -3.45
C PRO A 176 -1.04 12.32 -2.54
N LYS A 177 -2.30 12.79 -2.79
CA LYS A 177 -3.50 12.49 -2.03
C LYS A 177 -3.69 10.99 -1.81
N ALA A 178 -3.52 10.18 -2.89
CA ALA A 178 -3.64 8.73 -2.86
C ALA A 178 -2.81 8.10 -3.98
N PRO A 179 -1.48 7.82 -3.78
CA PRO A 179 -0.65 7.28 -4.89
C PRO A 179 -1.03 5.88 -5.45
N SER A 180 -2.15 5.30 -5.00
CA SER A 180 -2.64 3.99 -5.45
C SER A 180 -3.99 4.12 -6.14
N LYS A 181 -4.89 4.95 -5.57
CA LYS A 181 -6.23 5.24 -6.11
C LYS A 181 -6.11 6.04 -7.41
N TYR A 182 -5.06 6.85 -7.54
CA TYR A 182 -4.86 7.72 -8.71
C TYR A 182 -3.65 7.32 -9.55
N ASN A 183 -3.03 6.17 -9.29
CA ASN A 183 -1.86 5.74 -10.03
C ASN A 183 -2.15 5.52 -11.53
N PRO A 184 -1.37 6.10 -12.49
CA PRO A 184 -1.67 5.89 -13.92
C PRO A 184 -1.41 4.48 -14.44
N VAL A 185 -0.59 3.72 -13.70
CA VAL A 185 -0.27 2.34 -14.04
C VAL A 185 -1.43 1.45 -13.57
N VAL A 186 -1.77 1.48 -12.28
CA VAL A 186 -2.85 0.66 -11.72
C VAL A 186 -4.25 1.08 -12.18
N ASN A 187 -4.63 2.36 -11.99
CA ASN A 187 -5.96 2.84 -12.39
C ASN A 187 -5.89 4.02 -13.39
N PRO A 188 -5.54 3.75 -14.68
CA PRO A 188 -5.44 4.85 -15.67
C PRO A 188 -6.69 5.67 -15.90
N GLU A 189 -7.87 5.07 -15.67
CA GLU A 189 -9.20 5.68 -15.79
C GLU A 189 -9.41 6.69 -14.64
N ARG A 190 -9.14 6.27 -13.38
CA ARG A 190 -9.28 7.12 -12.20
C ARG A 190 -8.21 8.24 -12.15
N ALA A 191 -7.01 7.96 -12.73
CA ALA A 191 -5.89 8.89 -12.83
C ALA A 191 -6.21 10.00 -13.81
N LEU A 192 -6.71 9.65 -15.00
CA LEU A 192 -7.04 10.61 -16.04
C LEU A 192 -8.20 11.51 -15.62
N GLU A 193 -9.15 10.95 -14.86
CA GLU A 193 -10.30 11.65 -14.31
C GLU A 193 -9.80 12.77 -13.37
N ARG A 194 -8.86 12.41 -12.46
CA ARG A 194 -8.18 13.27 -11.49
C ARG A 194 -7.38 14.36 -12.19
N ARG A 195 -6.50 13.95 -13.15
CA ARG A 195 -5.66 14.84 -13.96
C ARG A 195 -6.48 15.94 -14.66
N ASN A 196 -7.59 15.57 -15.32
CA ASN A 196 -8.41 16.53 -16.04
C ASN A 196 -9.14 17.44 -15.08
N TRP A 197 -9.47 16.93 -13.87
CA TRP A 197 -10.09 17.77 -12.85
C TRP A 197 -9.12 18.91 -12.49
N ILE A 198 -7.81 18.57 -12.31
CA ILE A 198 -6.72 19.52 -12.01
C ILE A 198 -6.54 20.51 -13.17
N LEU A 199 -6.56 20.01 -14.41
CA LEU A 199 -6.42 20.81 -15.62
C LEU A 199 -7.51 21.88 -15.71
N GLY A 200 -8.73 21.49 -15.35
CA GLY A 200 -9.89 22.38 -15.29
C GLY A 200 -9.73 23.46 -14.25
N ARG A 201 -9.15 23.08 -13.05
CA ARG A 201 -8.87 24.01 -11.95
C ARG A 201 -7.83 25.05 -12.37
N MET A 202 -6.76 24.60 -13.06
CA MET A 202 -5.66 25.42 -13.57
C MET A 202 -6.24 26.45 -14.52
N LEU A 203 -7.22 26.04 -15.37
CA LEU A 203 -7.91 26.94 -16.29
C LEU A 203 -8.73 27.98 -15.51
N GLN A 204 -9.57 27.52 -14.54
CA GLN A 204 -10.39 28.38 -13.68
C GLN A 204 -9.56 29.41 -12.93
N LEU A 205 -8.42 28.99 -12.35
CA LEU A 205 -7.50 29.88 -11.62
C LEU A 205 -6.66 30.78 -12.54
N GLY A 206 -6.76 30.54 -13.85
CA GLY A 206 -6.00 31.28 -14.85
C GLY A 206 -4.52 30.97 -14.80
N TYR A 207 -4.15 29.73 -14.40
CA TYR A 207 -2.76 29.26 -14.35
C TYR A 207 -2.30 28.85 -15.77
N ILE A 208 -3.29 28.44 -16.63
CA ILE A 208 -3.18 28.01 -18.03
C ILE A 208 -4.33 28.61 -18.84
N SER A 209 -4.13 28.78 -20.17
CA SER A 209 -5.10 29.33 -21.10
C SER A 209 -5.97 28.22 -21.68
N GLN A 210 -7.11 28.59 -22.30
CA GLN A 210 -8.06 27.69 -22.98
C GLN A 210 -7.30 26.79 -23.99
N ALA A 211 -6.35 27.38 -24.75
CA ALA A 211 -5.53 26.67 -25.74
C ALA A 211 -4.63 25.65 -25.03
N GLU A 212 -3.91 26.09 -23.96
CA GLU A 212 -3.06 25.21 -23.15
C GLU A 212 -3.93 24.07 -22.57
N TYR A 213 -5.15 24.44 -22.10
CA TYR A 213 -6.14 23.51 -21.54
C TYR A 213 -6.58 22.46 -22.54
N GLN A 214 -7.09 22.92 -23.71
CA GLN A 214 -7.60 22.08 -24.79
C GLN A 214 -6.54 21.06 -25.25
N LYS A 215 -5.28 21.53 -25.41
CA LYS A 215 -4.13 20.73 -25.85
C LYS A 215 -3.86 19.65 -24.83
N ALA A 216 -3.85 20.02 -23.52
CA ALA A 216 -3.60 19.15 -22.37
C ALA A 216 -4.68 18.08 -22.13
N VAL A 217 -5.98 18.43 -22.26
CA VAL A 217 -7.04 17.43 -22.05
C VAL A 217 -7.10 16.38 -23.12
N ALA A 218 -6.75 16.77 -24.35
CA ALA A 218 -6.69 15.93 -25.54
C ALA A 218 -5.64 14.84 -25.39
N GLU A 219 -4.54 15.16 -24.66
CA GLU A 219 -3.38 14.33 -24.42
C GLU A 219 -3.68 13.00 -23.72
N PRO A 220 -3.12 11.87 -24.20
CA PRO A 220 -3.31 10.61 -23.47
C PRO A 220 -2.35 10.52 -22.27
N ILE A 221 -2.35 9.39 -21.53
CA ILE A 221 -1.47 9.21 -20.38
C ILE A 221 0.03 9.28 -20.78
N ASN A 222 0.37 8.74 -21.96
CA ASN A 222 1.72 8.78 -22.53
C ASN A 222 2.85 8.32 -21.61
N LEU A 223 2.61 7.30 -20.79
CA LEU A 223 3.66 6.77 -19.92
C LEU A 223 4.83 6.24 -20.76
N ASN A 224 6.05 6.57 -20.36
CA ASN A 224 7.29 6.11 -20.98
C ASN A 224 8.19 5.68 -19.81
N MET A 225 7.86 4.54 -19.21
CA MET A 225 8.56 4.08 -18.02
C MET A 225 9.88 3.36 -18.29
N PRO A 226 11.03 3.92 -17.84
CA PRO A 226 12.29 3.19 -18.02
C PRO A 226 12.36 1.99 -17.08
N ASN A 227 12.87 0.85 -17.57
CA ASN A 227 13.05 -0.34 -16.73
C ASN A 227 14.19 -0.07 -15.75
N ARG A 228 13.88 -0.16 -14.46
CA ARG A 228 14.87 0.10 -13.42
C ARG A 228 15.43 -1.17 -12.81
N ASP A 229 15.07 -2.30 -13.41
CA ASP A 229 15.51 -3.63 -13.01
C ASP A 229 16.27 -4.20 -14.20
N LEU A 230 17.57 -3.91 -14.32
CA LEU A 230 18.34 -4.46 -15.44
C LEU A 230 18.88 -5.86 -15.11
N ASN A 231 18.42 -6.87 -15.87
CA ASN A 231 18.77 -8.28 -15.73
C ASN A 231 18.75 -8.89 -17.12
N ASN A 232 19.79 -8.56 -17.93
CA ASN A 232 19.92 -8.95 -19.33
C ASN A 232 21.06 -9.93 -19.65
N ILE A 233 22.01 -10.14 -18.73
CA ILE A 233 23.15 -11.03 -19.00
C ILE A 233 22.83 -12.50 -18.66
N HIS A 234 22.48 -12.76 -17.38
CA HIS A 234 22.15 -14.09 -16.87
C HIS A 234 20.89 -13.96 -16.03
N PRO A 235 19.71 -13.85 -16.68
CA PRO A 235 18.48 -13.53 -15.93
C PRO A 235 18.08 -14.40 -14.74
N TYR A 236 18.20 -15.73 -14.85
CA TYR A 236 17.85 -16.59 -13.71
C TYR A 236 18.72 -16.35 -12.44
N ALA A 237 20.01 -15.96 -12.63
CA ALA A 237 20.94 -15.66 -11.57
C ALA A 237 20.62 -14.35 -10.88
N GLY A 238 20.36 -13.29 -11.68
CA GLY A 238 20.01 -11.98 -11.16
C GLY A 238 18.72 -12.01 -10.37
N GLU A 239 17.69 -12.64 -10.95
CA GLU A 239 16.38 -12.80 -10.33
C GLU A 239 16.43 -13.59 -9.06
N MET A 240 17.30 -14.61 -8.99
CA MET A 240 17.47 -15.45 -7.81
C MET A 240 17.82 -14.56 -6.59
N VAL A 241 18.75 -13.60 -6.76
CA VAL A 241 19.20 -12.67 -5.73
C VAL A 241 18.05 -11.74 -5.32
N ARG A 242 17.40 -11.07 -6.31
CA ARG A 242 16.31 -10.16 -6.03
C ARG A 242 15.12 -10.86 -5.36
N SER A 243 14.64 -11.95 -5.95
CA SER A 243 13.47 -12.65 -5.40
C SER A 243 13.73 -13.27 -4.02
N GLU A 244 14.94 -13.81 -3.79
CA GLU A 244 15.24 -14.40 -2.49
C GLU A 244 15.36 -13.36 -1.38
N LEU A 245 15.99 -12.21 -1.69
CA LEU A 245 16.13 -11.14 -0.71
C LEU A 245 14.76 -10.53 -0.35
N VAL A 246 13.93 -10.34 -1.38
CA VAL A 246 12.57 -9.83 -1.19
C VAL A 246 11.69 -10.85 -0.42
N LYS A 247 11.85 -12.17 -0.68
CA LYS A 247 11.11 -13.23 0.00
C LYS A 247 11.35 -13.21 1.52
N HIS A 248 12.63 -13.17 1.94
CA HIS A 248 13.04 -13.21 3.34
C HIS A 248 13.08 -11.88 4.08
N PHE A 249 13.32 -10.78 3.37
CA PHE A 249 13.47 -9.49 4.03
C PHE A 249 12.59 -8.34 3.51
N GLY A 250 11.74 -8.62 2.52
CA GLY A 250 10.83 -7.65 1.91
C GLY A 250 11.48 -6.66 0.95
N GLU A 251 10.66 -5.76 0.35
CA GLU A 251 11.14 -4.72 -0.60
C GLU A 251 12.27 -3.79 -0.11
N GLN A 252 12.36 -3.58 1.23
CA GLN A 252 13.42 -2.81 1.89
C GLN A 252 14.83 -3.35 1.59
N ALA A 253 14.94 -4.65 1.22
CA ALA A 253 16.22 -5.28 0.90
C ALA A 253 16.85 -4.71 -0.36
N ILE A 254 16.04 -4.25 -1.30
CA ILE A 254 16.47 -3.66 -2.57
C ILE A 254 16.78 -2.17 -2.45
N ASP A 255 16.22 -1.49 -1.45
CA ASP A 255 16.50 -0.07 -1.22
C ASP A 255 17.82 0.14 -0.46
N SER A 256 18.55 -0.95 -0.16
CA SER A 256 19.80 -0.92 0.59
C SER A 256 21.08 -0.44 -0.16
N GLY A 257 21.07 -0.44 -1.50
CA GLY A 257 22.20 -0.02 -2.32
C GLY A 257 23.38 -1.00 -2.28
N TYR A 258 23.15 -2.18 -1.64
CA TYR A 258 24.11 -3.26 -1.39
C TYR A 258 24.67 -3.89 -2.66
N LYS A 259 25.89 -4.37 -2.56
CA LYS A 259 26.62 -5.07 -3.59
C LYS A 259 26.69 -6.56 -3.18
N VAL A 260 25.91 -7.41 -3.87
CA VAL A 260 25.84 -8.85 -3.62
C VAL A 260 26.85 -9.60 -4.52
N TYR A 261 27.88 -10.16 -3.90
CA TYR A 261 28.91 -10.96 -4.59
C TYR A 261 28.52 -12.43 -4.48
N THR A 262 27.96 -12.97 -5.58
CA THR A 262 27.51 -14.37 -5.64
C THR A 262 28.62 -15.39 -5.97
N THR A 263 28.25 -16.68 -5.88
CA THR A 263 29.03 -17.89 -6.12
C THR A 263 28.95 -18.32 -7.59
N ILE A 264 28.07 -17.66 -8.37
CA ILE A 264 27.83 -17.95 -9.79
C ILE A 264 29.08 -17.82 -10.65
N ASN A 265 29.39 -18.88 -11.43
CA ASN A 265 30.48 -18.90 -12.39
C ASN A 265 29.85 -18.46 -13.70
N ALA A 266 30.25 -17.28 -14.20
CA ALA A 266 29.71 -16.72 -15.43
C ALA A 266 29.84 -17.66 -16.65
N LYS A 267 31.04 -18.28 -16.84
CA LYS A 267 31.30 -19.21 -17.95
C LYS A 267 30.30 -20.37 -17.90
N ARG A 268 30.18 -20.99 -16.72
CA ARG A 268 29.29 -22.10 -16.45
C ARG A 268 27.84 -21.74 -16.54
N GLN A 269 27.48 -20.49 -16.18
CA GLN A 269 26.10 -19.99 -16.28
C GLN A 269 25.65 -19.88 -17.75
N ALA A 270 26.55 -19.39 -18.65
CA ALA A 270 26.29 -19.29 -20.08
C ALA A 270 26.16 -20.68 -20.71
N ILE A 271 26.98 -21.65 -20.22
CA ILE A 271 26.93 -23.03 -20.73
C ILE A 271 25.56 -23.61 -20.41
N ALA A 272 25.14 -23.47 -19.15
CA ALA A 272 23.86 -23.96 -18.65
C ALA A 272 22.66 -23.42 -19.43
N GLU A 273 22.61 -22.09 -19.66
CA GLU A 273 21.55 -21.39 -20.40
C GLU A 273 21.38 -21.96 -21.82
N LYS A 274 22.52 -22.07 -22.54
CA LYS A 274 22.59 -22.61 -23.89
C LYS A 274 22.19 -24.08 -23.94
N ALA A 275 22.73 -24.93 -23.00
CA ALA A 275 22.43 -26.37 -22.92
C ALA A 275 20.92 -26.60 -22.75
N VAL A 276 20.28 -25.82 -21.86
CA VAL A 276 18.84 -25.91 -21.57
C VAL A 276 18.00 -25.55 -22.79
N GLN A 277 18.29 -24.38 -23.39
CA GLN A 277 17.63 -23.92 -24.59
C GLN A 277 17.75 -24.95 -25.73
N ASP A 278 18.98 -25.44 -26.01
CA ASP A 278 19.20 -26.43 -27.06
C ASP A 278 18.50 -27.76 -26.80
N GLY A 279 18.62 -28.27 -25.57
CA GLY A 279 18.02 -29.52 -25.18
C GLY A 279 16.51 -29.54 -25.24
N LEU A 280 15.88 -28.43 -24.82
CA LEU A 280 14.41 -28.33 -24.89
C LEU A 280 13.92 -28.17 -26.34
N GLU A 281 14.70 -27.48 -27.20
CA GLU A 281 14.41 -27.31 -28.62
C GLU A 281 14.55 -28.65 -29.35
N ALA A 282 15.52 -29.48 -28.91
CA ALA A 282 15.77 -30.82 -29.49
C ALA A 282 14.54 -31.72 -29.26
N TYR A 283 14.00 -31.69 -28.03
CA TYR A 283 12.82 -32.45 -27.64
C TYR A 283 11.63 -31.96 -28.49
N ASP A 284 11.45 -30.63 -28.52
CA ASP A 284 10.35 -29.97 -29.21
C ASP A 284 10.31 -30.30 -30.70
N ARG A 285 11.43 -30.10 -31.43
CA ARG A 285 11.53 -30.39 -32.86
C ARG A 285 11.16 -31.85 -33.19
N ARG A 286 11.58 -32.84 -32.35
CA ARG A 286 11.24 -34.26 -32.60
C ARG A 286 9.78 -34.62 -32.32
N HIS A 287 9.10 -33.79 -31.52
CA HIS A 287 7.69 -33.99 -31.20
C HIS A 287 6.70 -33.30 -32.16
N GLY A 288 7.25 -32.50 -33.09
CA GLY A 288 6.54 -31.83 -34.18
C GLY A 288 5.97 -30.45 -33.97
N TRP A 289 5.63 -29.82 -35.10
CA TRP A 289 5.00 -28.50 -35.20
C TRP A 289 3.59 -28.52 -34.58
N ARG A 290 3.40 -27.71 -33.54
CA ARG A 290 2.15 -27.59 -32.81
C ARG A 290 1.25 -26.46 -33.27
N GLY A 291 1.58 -25.82 -34.38
CA GLY A 291 0.80 -24.69 -34.88
C GLY A 291 1.31 -23.36 -34.38
N ALA A 292 0.71 -22.26 -34.86
CA ALA A 292 1.15 -20.92 -34.46
C ALA A 292 0.88 -20.63 -32.98
N GLU A 293 1.74 -19.79 -32.37
CA GLU A 293 1.65 -19.37 -30.96
C GLU A 293 0.23 -18.85 -30.67
N ALA A 294 -0.30 -18.02 -31.58
CA ALA A 294 -1.64 -17.43 -31.54
C ALA A 294 -2.12 -17.20 -32.96
N HIS A 295 -3.39 -16.86 -33.11
CA HIS A 295 -4.01 -16.52 -34.38
C HIS A 295 -4.94 -15.34 -34.12
N ASP A 296 -4.84 -14.32 -35.00
CA ASP A 296 -5.63 -13.10 -34.94
C ASP A 296 -5.57 -12.39 -33.57
N LYS A 297 -4.34 -12.06 -33.14
CA LYS A 297 -4.06 -11.37 -31.88
C LYS A 297 -3.08 -10.22 -32.14
N PRO A 298 -3.10 -9.11 -31.34
CA PRO A 298 -2.19 -7.97 -31.64
C PRO A 298 -0.71 -8.27 -31.38
N LEU A 299 0.13 -8.05 -32.40
CA LEU A 299 1.58 -8.29 -32.38
C LEU A 299 2.31 -7.52 -31.26
N SER A 300 1.73 -6.38 -30.82
CA SER A 300 2.25 -5.58 -29.71
C SER A 300 2.23 -6.38 -28.40
N GLU A 301 1.34 -7.38 -28.31
CA GLU A 301 1.18 -8.24 -27.13
C GLU A 301 2.22 -9.38 -27.01
N PHE A 302 3.08 -9.55 -28.01
CA PHE A 302 4.08 -10.61 -28.01
C PHE A 302 5.49 -10.04 -27.81
N ARG A 303 6.42 -10.90 -27.32
CA ARG A 303 7.79 -10.49 -26.99
C ARG A 303 8.81 -11.40 -27.62
N ALA A 304 10.01 -10.85 -27.92
CA ALA A 304 11.15 -11.62 -28.43
C ALA A 304 12.04 -12.11 -27.27
N TYR A 305 12.46 -13.38 -27.33
CA TYR A 305 13.31 -14.02 -26.33
C TYR A 305 13.89 -15.28 -26.89
N ALA A 306 14.98 -15.77 -26.28
CA ALA A 306 15.66 -17.02 -26.63
C ALA A 306 15.99 -17.11 -28.12
N ASN A 307 16.32 -15.93 -28.72
CA ASN A 307 16.67 -15.76 -30.13
C ASN A 307 15.52 -16.23 -31.05
N THR A 308 14.31 -15.76 -30.69
CA THR A 308 13.05 -16.00 -31.40
C THR A 308 12.32 -14.68 -31.47
N TYR A 309 11.84 -14.35 -32.65
CA TYR A 309 11.15 -13.09 -32.85
C TYR A 309 9.69 -13.34 -33.25
N PRO A 310 8.71 -12.73 -32.55
CA PRO A 310 7.30 -12.90 -32.95
C PRO A 310 6.94 -12.15 -34.23
N ALA A 311 6.27 -12.87 -35.15
CA ALA A 311 5.85 -12.37 -36.46
C ALA A 311 4.43 -12.78 -36.84
N GLN A 312 3.72 -11.90 -37.60
CA GLN A 312 2.36 -12.12 -38.07
C GLN A 312 2.40 -12.53 -39.54
N VAL A 313 1.85 -13.71 -39.88
CA VAL A 313 1.83 -14.21 -41.25
C VAL A 313 0.87 -13.33 -42.05
N THR A 314 1.39 -12.74 -43.14
CA THR A 314 0.66 -11.81 -44.00
C THR A 314 0.33 -12.35 -45.41
N LYS A 315 1.09 -13.37 -45.87
CA LYS A 315 0.91 -14.00 -47.19
C LYS A 315 1.39 -15.46 -47.09
N VAL A 316 0.72 -16.39 -47.81
CA VAL A 316 1.08 -17.82 -47.82
C VAL A 316 1.20 -18.32 -49.27
N ASN A 317 2.41 -18.69 -49.70
CA ASN A 317 2.69 -19.18 -51.07
C ASN A 317 2.76 -20.72 -51.11
N SER A 318 3.37 -21.28 -52.18
CA SER A 318 3.49 -22.74 -52.35
C SER A 318 4.56 -23.32 -51.41
N SER A 319 5.80 -22.83 -51.54
CA SER A 319 6.97 -23.26 -50.78
C SER A 319 7.47 -22.21 -49.79
N SER A 320 6.85 -21.02 -49.76
CA SER A 320 7.28 -19.95 -48.88
C SER A 320 6.10 -19.22 -48.20
N PHE A 321 6.39 -18.18 -47.38
CA PHE A 321 5.44 -17.28 -46.71
C PHE A 321 6.03 -15.92 -46.33
N GLU A 322 5.16 -14.96 -46.00
CA GLU A 322 5.56 -13.62 -45.60
C GLU A 322 5.07 -13.30 -44.21
N ALA A 323 5.93 -12.67 -43.42
CA ALA A 323 5.59 -12.33 -42.07
C ALA A 323 6.03 -10.91 -41.74
N LEU A 324 5.17 -10.18 -41.02
CA LEU A 324 5.41 -8.82 -40.59
C LEU A 324 6.08 -8.85 -39.19
N MET A 325 7.27 -8.25 -39.04
CA MET A 325 8.00 -8.20 -37.77
C MET A 325 7.49 -7.02 -36.91
N GLN A 326 7.93 -6.94 -35.63
CA GLN A 326 7.55 -5.89 -34.68
C GLN A 326 8.22 -4.55 -34.97
N ASP A 327 9.22 -4.54 -35.87
CA ASP A 327 9.94 -3.34 -36.31
C ASP A 327 9.24 -2.78 -37.55
N GLY A 328 8.35 -3.57 -38.13
CA GLY A 328 7.57 -3.20 -39.31
C GLY A 328 8.03 -3.82 -40.61
N SER A 329 9.14 -4.55 -40.59
CA SER A 329 9.66 -5.18 -41.81
C SER A 329 8.93 -6.49 -42.16
N THR A 330 8.90 -6.86 -43.45
CA THR A 330 8.30 -8.10 -43.89
C THR A 330 9.42 -9.02 -44.32
N VAL A 331 9.51 -10.21 -43.72
CA VAL A 331 10.54 -11.17 -44.07
C VAL A 331 9.92 -12.31 -44.87
N THR A 332 10.76 -13.12 -45.53
CA THR A 332 10.32 -14.29 -46.29
C THR A 332 10.99 -15.59 -45.77
N VAL A 333 10.17 -16.56 -45.34
CA VAL A 333 10.68 -17.86 -44.89
C VAL A 333 10.54 -18.81 -46.06
N GLN A 334 11.67 -19.32 -46.56
CA GLN A 334 11.74 -20.29 -47.66
C GLN A 334 11.46 -21.72 -47.16
N TRP A 335 11.23 -22.67 -48.09
CA TRP A 335 10.93 -24.06 -47.74
C TRP A 335 11.86 -24.71 -46.70
N SER A 336 13.19 -24.54 -46.86
CA SER A 336 14.22 -25.06 -45.97
C SER A 336 14.02 -24.62 -44.49
N GLY A 337 13.42 -23.44 -44.31
CA GLY A 337 13.13 -22.88 -42.99
C GLY A 337 11.84 -23.34 -42.33
N MET A 338 11.05 -24.20 -43.01
CA MET A 338 9.77 -24.69 -42.50
C MET A 338 9.49 -26.16 -42.80
N SER A 339 10.27 -26.77 -43.71
CA SER A 339 10.15 -28.17 -44.14
C SER A 339 10.17 -29.20 -42.97
N TRP A 340 10.78 -28.83 -41.82
CA TRP A 340 10.89 -29.66 -40.60
C TRP A 340 9.52 -29.89 -39.93
N ALA A 341 8.56 -29.00 -40.22
CA ALA A 341 7.23 -28.94 -39.60
C ALA A 341 6.25 -30.11 -39.77
N ARG A 342 6.67 -31.37 -39.44
CA ARG A 342 5.78 -32.55 -39.40
C ARG A 342 4.74 -32.19 -38.31
N PRO A 343 3.42 -32.38 -38.52
CA PRO A 343 2.48 -31.95 -37.49
C PRO A 343 2.45 -32.84 -36.26
N TYR A 344 2.36 -32.20 -35.10
CA TYR A 344 2.20 -32.85 -33.80
C TYR A 344 0.82 -33.54 -33.82
N ARG A 345 0.79 -34.86 -33.57
CA ARG A 345 -0.44 -35.65 -33.54
C ARG A 345 -0.84 -35.91 -32.10
N ASN A 346 0.15 -36.22 -31.23
CA ASN A 346 0.10 -36.45 -29.78
C ASN A 346 1.56 -36.67 -29.30
N ALA A 347 1.79 -36.85 -27.99
CA ALA A 347 3.16 -37.01 -27.50
C ALA A 347 3.90 -38.16 -28.16
N ASN A 348 3.15 -39.17 -28.62
CA ASN A 348 3.70 -40.37 -29.22
C ASN A 348 3.50 -40.53 -30.72
N SER A 349 3.18 -39.43 -31.44
CA SER A 349 2.91 -39.47 -32.88
C SER A 349 3.03 -38.11 -33.56
N VAL A 350 3.68 -38.09 -34.73
CA VAL A 350 3.80 -36.92 -35.59
C VAL A 350 3.34 -37.31 -36.98
N GLY A 351 2.71 -36.38 -37.68
CA GLY A 351 2.22 -36.62 -39.03
C GLY A 351 3.33 -36.63 -40.07
N ALA A 352 2.93 -36.83 -41.33
CA ALA A 352 3.84 -36.85 -42.47
C ALA A 352 4.47 -35.48 -42.70
N ALA A 353 5.66 -35.46 -43.32
CA ALA A 353 6.38 -34.25 -43.68
C ALA A 353 5.47 -33.32 -44.54
N PRO A 354 5.39 -32.01 -44.22
CA PRO A 354 4.51 -31.12 -44.99
C PRO A 354 4.93 -31.02 -46.44
N SER A 355 3.94 -30.91 -47.34
CA SER A 355 4.15 -30.84 -48.78
C SER A 355 3.91 -29.44 -49.34
N ARG A 356 3.43 -28.51 -48.49
CA ARG A 356 3.17 -27.09 -48.86
C ARG A 356 3.09 -26.19 -47.63
N ALA A 357 3.41 -24.88 -47.81
CA ALA A 357 3.42 -23.85 -46.76
C ALA A 357 2.04 -23.66 -46.11
N SER A 358 0.95 -23.91 -46.86
CA SER A 358 -0.43 -23.78 -46.38
C SER A 358 -0.81 -24.78 -45.27
N GLN A 359 -0.13 -25.95 -45.22
CA GLN A 359 -0.36 -26.98 -44.20
C GLN A 359 0.29 -26.60 -42.86
N ILE A 360 1.21 -25.61 -42.89
CA ILE A 360 1.95 -25.15 -41.71
C ILE A 360 1.38 -23.81 -41.18
N VAL A 361 1.20 -22.81 -42.06
CA VAL A 361 0.71 -21.49 -41.65
C VAL A 361 -0.55 -21.00 -42.38
N LYS A 362 -1.30 -20.14 -41.68
CA LYS A 362 -2.51 -19.42 -42.10
C LYS A 362 -2.13 -17.94 -42.04
N VAL A 363 -2.88 -17.08 -42.74
CA VAL A 363 -2.64 -15.65 -42.63
C VAL A 363 -3.27 -15.19 -41.29
N LYS A 364 -2.62 -14.23 -40.60
CA LYS A 364 -2.97 -13.70 -39.26
C LYS A 364 -2.45 -14.58 -38.10
N ASP A 365 -1.77 -15.71 -38.45
CA ASP A 365 -1.13 -16.62 -37.49
C ASP A 365 0.07 -15.88 -36.90
N ILE A 366 0.31 -16.03 -35.57
CA ILE A 366 1.46 -15.42 -34.89
C ILE A 366 2.54 -16.52 -34.75
N VAL A 367 3.65 -16.39 -35.51
CA VAL A 367 4.74 -17.37 -35.49
C VAL A 367 6.03 -16.88 -34.81
N ARG A 368 7.02 -17.79 -34.68
CA ARG A 368 8.33 -17.49 -34.11
C ARG A 368 9.38 -17.68 -35.19
N LEU A 369 10.18 -16.64 -35.45
CA LEU A 369 11.25 -16.69 -36.45
C LEU A 369 12.64 -16.47 -35.84
N ARG A 370 13.63 -17.16 -36.40
CA ARG A 370 15.02 -17.09 -35.96
C ARG A 370 15.95 -16.77 -37.11
N PRO A 371 16.90 -15.85 -36.87
CA PRO A 371 17.92 -15.56 -37.88
C PRO A 371 19.19 -16.39 -37.70
N ASN A 372 19.92 -16.65 -38.80
CA ASN A 372 21.21 -17.33 -38.74
C ASN A 372 22.28 -16.26 -38.48
N GLU A 373 23.55 -16.65 -38.19
CA GLU A 373 24.70 -15.75 -37.90
C GLU A 373 24.37 -14.27 -38.24
N ALA A 374 24.20 -13.98 -39.55
CA ALA A 374 23.84 -12.67 -40.08
C ALA A 374 22.39 -12.70 -40.57
N LYS A 375 21.62 -11.65 -40.22
CA LYS A 375 20.20 -11.45 -40.60
C LYS A 375 19.98 -11.36 -42.15
N THR A 376 20.29 -12.47 -42.86
CA THR A 376 20.08 -12.55 -44.32
C THR A 376 18.94 -13.51 -44.63
N ALA A 377 18.81 -14.59 -43.83
CA ALA A 377 17.77 -15.62 -43.94
C ALA A 377 17.07 -15.84 -42.59
N TRP A 378 15.83 -16.35 -42.63
CA TRP A 378 15.00 -16.62 -41.45
C TRP A 378 14.36 -17.98 -41.58
N SER A 379 14.19 -18.65 -40.43
CA SER A 379 13.53 -19.95 -40.38
C SER A 379 12.41 -19.89 -39.35
N LEU A 380 11.43 -20.79 -39.51
CA LEU A 380 10.31 -20.95 -38.59
C LEU A 380 10.78 -21.86 -37.44
N VAL A 381 10.76 -21.30 -36.25
CA VAL A 381 11.14 -22.05 -35.06
C VAL A 381 9.90 -22.21 -34.21
N GLN A 382 10.04 -22.91 -33.09
CA GLN A 382 8.93 -23.11 -32.17
C GLN A 382 9.46 -22.99 -30.77
N VAL A 383 8.73 -22.25 -29.94
CA VAL A 383 9.06 -22.10 -28.54
C VAL A 383 8.53 -23.37 -27.87
N PRO A 384 9.42 -24.13 -27.19
CA PRO A 384 8.97 -25.37 -26.54
C PRO A 384 7.81 -25.17 -25.56
N LYS A 385 6.86 -26.13 -25.49
CA LYS A 385 5.79 -26.11 -24.49
C LYS A 385 6.41 -26.79 -23.25
N VAL A 386 7.27 -27.80 -23.52
CA VAL A 386 8.00 -28.50 -22.48
C VAL A 386 8.93 -27.51 -21.72
N GLN A 387 9.19 -27.81 -20.45
CA GLN A 387 10.09 -27.01 -19.64
C GLN A 387 11.25 -27.85 -19.17
N GLY A 388 12.24 -27.16 -18.60
CA GLY A 388 13.42 -27.80 -18.03
C GLY A 388 14.09 -26.91 -17.02
N GLN A 389 15.19 -27.40 -16.47
CA GLN A 389 16.01 -26.68 -15.51
C GLN A 389 17.36 -27.35 -15.36
N LEU A 390 18.33 -26.60 -14.82
CA LEU A 390 19.66 -27.08 -14.52
C LEU A 390 20.11 -26.35 -13.27
N ILE A 391 20.72 -27.11 -12.35
CA ILE A 391 21.31 -26.60 -11.10
C ILE A 391 22.67 -27.26 -10.93
N ALA A 392 23.73 -26.45 -10.74
CA ALA A 392 25.08 -26.93 -10.56
C ALA A 392 25.68 -26.35 -9.28
N ILE A 393 26.11 -27.23 -8.37
CA ILE A 393 26.66 -26.81 -7.09
C ILE A 393 28.04 -27.42 -6.88
N ASN A 394 28.83 -26.77 -6.02
CA ASN A 394 30.12 -27.31 -5.60
C ASN A 394 29.83 -28.27 -4.41
N PRO A 395 30.22 -29.57 -4.51
CA PRO A 395 29.92 -30.53 -3.42
C PRO A 395 30.65 -30.34 -2.12
N ASN A 396 31.71 -29.52 -2.10
CA ASN A 396 32.48 -29.27 -0.90
C ASN A 396 31.84 -28.20 -0.02
N ASP A 397 31.10 -27.22 -0.59
CA ASP A 397 30.52 -26.14 0.21
C ASP A 397 29.07 -25.76 -0.09
N GLY A 398 28.49 -26.30 -1.17
CA GLY A 398 27.14 -26.01 -1.60
C GLY A 398 27.00 -24.76 -2.46
N SER A 399 28.12 -24.16 -2.91
CA SER A 399 28.14 -22.97 -3.77
C SER A 399 27.37 -23.21 -5.03
N ILE A 400 26.38 -22.33 -5.31
CA ILE A 400 25.56 -22.45 -6.52
C ILE A 400 26.34 -21.83 -7.68
N GLU A 401 26.88 -22.69 -8.53
CA GLU A 401 27.70 -22.29 -9.68
C GLU A 401 26.96 -21.90 -10.93
N ALA A 402 25.84 -22.56 -11.22
CA ALA A 402 25.00 -22.26 -12.38
C ALA A 402 23.57 -22.65 -12.06
N ILE A 403 22.62 -21.82 -12.52
CA ILE A 403 21.20 -22.02 -12.27
C ILE A 403 20.40 -21.52 -13.48
N VAL A 404 19.53 -22.39 -13.99
CA VAL A 404 18.61 -22.11 -15.10
C VAL A 404 17.25 -22.64 -14.61
N GLY A 405 16.28 -21.74 -14.47
CA GLY A 405 14.95 -22.10 -13.97
C GLY A 405 13.92 -22.51 -15.01
N GLY A 406 14.24 -22.36 -16.29
CA GLY A 406 13.30 -22.68 -17.36
C GLY A 406 13.87 -22.44 -18.73
N TYR A 407 13.04 -22.61 -19.78
CA TYR A 407 13.50 -22.43 -21.15
C TYR A 407 14.12 -21.03 -21.34
N ASN A 408 13.46 -20.00 -20.76
CA ASN A 408 13.89 -18.62 -20.82
C ASN A 408 13.13 -17.79 -19.79
N PHE A 409 13.87 -16.96 -19.04
CA PHE A 409 13.34 -16.04 -18.04
C PHE A 409 12.23 -15.07 -18.56
N TYR A 410 12.30 -14.66 -19.83
CA TYR A 410 11.33 -13.76 -20.43
C TYR A 410 10.02 -14.43 -20.88
N GLN A 411 9.99 -15.80 -20.87
CA GLN A 411 8.85 -16.67 -21.11
C GLN A 411 8.18 -16.90 -19.75
N SER A 412 8.94 -17.33 -18.72
CA SER A 412 8.44 -17.49 -17.34
C SER A 412 9.52 -17.15 -16.29
N LYS A 413 9.16 -16.22 -15.39
CA LYS A 413 10.03 -15.77 -14.28
C LYS A 413 10.19 -16.84 -13.17
N PHE A 414 9.38 -17.92 -13.21
CA PHE A 414 9.37 -19.04 -12.28
C PHE A 414 10.68 -19.81 -12.46
N ASN A 415 11.36 -20.12 -11.33
CA ASN A 415 12.64 -20.80 -11.29
C ASN A 415 12.41 -22.20 -10.76
N ARG A 416 12.36 -23.16 -11.69
CA ARG A 416 12.09 -24.56 -11.45
C ARG A 416 13.16 -25.24 -10.60
N ALA A 417 14.41 -24.71 -10.58
CA ALA A 417 15.48 -25.27 -9.75
C ALA A 417 15.21 -25.03 -8.26
N LEU A 418 14.59 -23.88 -7.92
CA LEU A 418 14.29 -23.45 -6.54
C LEU A 418 12.81 -23.55 -6.14
N GLN A 419 11.86 -23.53 -7.11
CA GLN A 419 10.42 -23.50 -6.86
C GLN A 419 9.63 -24.67 -7.46
N GLY A 420 10.17 -25.33 -8.47
CA GLY A 420 9.50 -26.43 -9.13
C GLY A 420 9.47 -27.75 -8.39
N TRP A 421 8.42 -27.97 -7.56
CA TRP A 421 8.21 -29.21 -6.80
C TRP A 421 7.76 -30.34 -7.71
N ARG A 422 8.60 -31.37 -7.88
CA ARG A 422 8.30 -32.53 -8.70
C ARG A 422 8.72 -33.82 -8.00
N GLN A 423 8.28 -34.96 -8.54
CA GLN A 423 8.67 -36.27 -7.99
C GLN A 423 10.01 -36.69 -8.64
N PRO A 424 11.03 -37.07 -7.84
CA PRO A 424 12.34 -37.43 -8.43
C PRO A 424 12.44 -38.79 -9.12
N GLY A 425 11.44 -39.66 -8.92
CA GLY A 425 11.42 -41.01 -9.48
C GLY A 425 12.58 -41.85 -8.98
N SER A 426 13.30 -42.47 -9.92
CA SER A 426 14.47 -43.34 -9.65
C SER A 426 15.72 -42.59 -9.17
N THR A 427 15.71 -41.23 -9.24
CA THR A 427 16.85 -40.45 -8.77
C THR A 427 16.99 -40.48 -7.24
N ILE A 428 15.94 -40.97 -6.51
CA ILE A 428 15.96 -41.12 -5.05
C ILE A 428 16.67 -42.42 -4.64
N LYS A 429 16.61 -43.45 -5.52
CA LYS A 429 17.14 -44.77 -5.26
C LYS A 429 18.54 -44.77 -4.64
N PRO A 430 19.55 -44.01 -5.15
CA PRO A 430 20.87 -44.01 -4.47
C PRO A 430 20.81 -43.61 -2.99
N PHE A 431 19.93 -42.67 -2.59
CA PHE A 431 19.78 -42.29 -1.18
C PHE A 431 19.36 -43.49 -0.32
N LEU A 432 18.35 -44.27 -0.77
CA LEU A 432 17.88 -45.50 -0.10
C LEU A 432 18.95 -46.63 -0.10
N TYR A 433 19.55 -46.92 -1.28
CA TYR A 433 20.58 -47.96 -1.42
C TYR A 433 21.85 -47.65 -0.59
N ALA A 434 22.14 -46.34 -0.34
CA ALA A 434 23.24 -45.93 0.55
C ALA A 434 22.92 -46.39 1.98
N LEU A 435 21.63 -46.33 2.42
CA LEU A 435 21.28 -46.79 3.78
C LEU A 435 21.45 -48.29 3.93
N ALA A 436 21.13 -49.03 2.86
CA ALA A 436 21.33 -50.47 2.82
C ALA A 436 22.83 -50.77 2.96
N LEU A 437 23.69 -49.98 2.30
CA LEU A 437 25.14 -50.17 2.40
C LEU A 437 25.61 -49.81 3.81
N GLU A 438 25.02 -48.74 4.39
CA GLU A 438 25.26 -48.26 5.75
C GLU A 438 24.99 -49.37 6.79
N ARG A 439 24.00 -50.27 6.53
CA ARG A 439 23.62 -51.25 7.53
C ARG A 439 23.74 -52.80 7.44
N GLY A 440 24.77 -53.44 6.91
CA GLY A 440 25.88 -53.01 6.09
C GLY A 440 26.04 -54.01 4.95
N MET A 441 25.11 -53.91 3.98
CA MET A 441 25.10 -54.61 2.72
C MET A 441 26.22 -54.03 1.85
N THR A 442 26.53 -54.74 0.75
CA THR A 442 27.58 -54.35 -0.17
C THR A 442 26.97 -54.21 -1.59
N PRO A 443 27.72 -53.63 -2.57
CA PRO A 443 27.20 -53.58 -3.95
C PRO A 443 26.98 -54.98 -4.56
N TYR A 444 27.59 -56.00 -3.95
CA TYR A 444 27.52 -57.39 -4.41
C TYR A 444 26.46 -58.21 -3.72
N SER A 445 25.90 -57.69 -2.61
CA SER A 445 24.88 -58.36 -1.81
C SER A 445 23.72 -58.72 -2.69
N MET A 446 23.24 -59.95 -2.55
CA MET A 446 22.12 -60.48 -3.33
C MET A 446 20.80 -59.94 -2.81
N VAL A 447 20.01 -59.39 -3.72
CA VAL A 447 18.71 -58.80 -3.45
C VAL A 447 17.63 -59.49 -4.29
N ASN A 448 16.40 -59.48 -3.81
CA ASN A 448 15.32 -60.19 -4.49
C ASN A 448 14.40 -59.37 -5.36
N ASP A 449 14.50 -59.57 -6.71
CA ASP A 449 13.64 -58.91 -7.70
C ASP A 449 12.52 -59.91 -8.06
N SER A 450 11.47 -59.91 -7.23
CA SER A 450 10.32 -60.78 -7.33
C SER A 450 9.04 -59.99 -7.09
N PRO A 451 7.82 -60.54 -7.36
CA PRO A 451 6.60 -59.77 -7.04
C PRO A 451 6.47 -59.51 -5.55
N ILE A 452 5.85 -58.37 -5.21
CA ILE A 452 5.64 -57.93 -3.84
C ILE A 452 4.28 -57.21 -3.72
N THR A 453 3.56 -57.51 -2.64
CA THR A 453 2.31 -56.85 -2.31
C THR A 453 2.37 -56.32 -0.88
N ILE A 454 1.87 -55.09 -0.68
CA ILE A 454 1.77 -54.43 0.62
C ILE A 454 0.36 -53.87 0.63
N GLY A 455 -0.53 -54.65 1.25
CA GLY A 455 -1.94 -54.31 1.32
C GLY A 455 -2.55 -54.55 -0.03
N LYS A 456 -3.02 -53.46 -0.66
CA LYS A 456 -3.61 -53.46 -1.99
C LYS A 456 -2.55 -53.08 -3.04
N TRP A 457 -1.47 -52.41 -2.58
CA TRP A 457 -0.36 -51.95 -3.40
C TRP A 457 0.58 -53.06 -3.87
N THR A 458 0.69 -53.18 -5.20
CA THR A 458 1.53 -54.15 -5.86
C THR A 458 2.53 -53.38 -6.79
N PRO A 459 3.68 -52.91 -6.24
CA PRO A 459 4.66 -52.18 -7.08
C PRO A 459 5.20 -53.07 -8.19
N LYS A 460 5.24 -52.51 -9.41
CA LYS A 460 5.70 -53.22 -10.61
C LYS A 460 6.91 -52.51 -11.24
N ASN A 461 7.80 -53.27 -11.90
CA ASN A 461 8.99 -52.69 -12.58
C ASN A 461 8.62 -52.14 -13.95
N SER A 462 9.42 -51.16 -14.43
CA SER A 462 9.26 -50.43 -15.70
C SER A 462 8.96 -51.33 -16.90
N ASP A 463 9.70 -52.46 -17.00
CA ASP A 463 9.56 -53.47 -18.06
C ASP A 463 8.45 -54.49 -17.80
N GLY A 464 7.91 -54.51 -16.57
CA GLY A 464 6.86 -55.44 -16.14
C GLY A 464 7.34 -56.87 -15.96
N ARG A 465 8.67 -57.08 -15.88
CA ARG A 465 9.34 -58.38 -15.72
C ARG A 465 10.10 -58.45 -14.37
N TYR A 466 10.47 -59.68 -13.94
CA TYR A 466 11.24 -59.89 -12.70
C TYR A 466 12.54 -60.62 -12.98
N LEU A 467 13.62 -60.25 -12.28
CA LEU A 467 14.94 -60.84 -12.53
C LEU A 467 15.44 -61.84 -11.48
N GLY A 468 14.66 -62.03 -10.43
CA GLY A 468 15.01 -62.93 -9.34
C GLY A 468 16.13 -62.36 -8.51
N MET A 469 16.98 -63.24 -7.93
CA MET A 469 18.12 -62.85 -7.13
C MET A 469 19.22 -62.27 -8.03
N ILE A 470 19.54 -60.99 -7.84
CA ILE A 470 20.55 -60.19 -8.56
C ILE A 470 21.42 -59.39 -7.53
N PRO A 471 22.67 -58.97 -7.84
CA PRO A 471 23.42 -58.14 -6.88
C PRO A 471 22.85 -56.72 -6.77
N LEU A 472 23.01 -56.09 -5.58
CA LEU A 472 22.53 -54.75 -5.24
C LEU A 472 22.80 -53.70 -6.33
N ARG A 473 24.03 -53.68 -6.86
CA ARG A 473 24.44 -52.73 -7.91
C ARG A 473 23.62 -52.87 -9.20
N ARG A 474 23.25 -54.12 -9.57
CA ARG A 474 22.40 -54.36 -10.75
C ARG A 474 20.95 -53.89 -10.53
N ALA A 475 20.38 -54.14 -9.33
CA ALA A 475 19.04 -53.69 -8.96
C ALA A 475 18.97 -52.18 -8.98
N LEU A 476 20.03 -51.47 -8.49
CA LEU A 476 20.07 -50.00 -8.53
C LEU A 476 20.12 -49.49 -9.98
N TYR A 477 21.11 -49.96 -10.77
CA TYR A 477 21.30 -49.57 -12.15
C TYR A 477 20.03 -49.80 -13.00
N LEU A 478 19.40 -50.97 -12.81
CA LEU A 478 18.16 -51.34 -13.50
C LEU A 478 16.88 -50.79 -12.81
N SER A 479 17.01 -49.95 -11.74
CA SER A 479 15.90 -49.34 -10.98
C SER A 479 14.76 -50.35 -10.69
N ARG A 480 15.12 -51.48 -10.08
CA ARG A 480 14.18 -52.56 -9.77
C ARG A 480 13.32 -52.21 -8.57
N ASN A 481 12.12 -51.67 -8.85
CA ASN A 481 11.17 -51.18 -7.86
C ASN A 481 10.92 -52.14 -6.68
N THR A 482 10.77 -53.44 -6.96
CA THR A 482 10.56 -54.50 -5.95
C THR A 482 11.73 -54.59 -4.97
N VAL A 483 12.98 -54.40 -5.46
CA VAL A 483 14.16 -54.42 -4.61
C VAL A 483 14.18 -53.20 -3.66
N SER A 484 13.80 -52.02 -4.18
CA SER A 484 13.75 -50.78 -3.40
C SER A 484 12.76 -50.91 -2.26
N VAL A 485 11.55 -51.42 -2.56
CA VAL A 485 10.47 -51.65 -1.60
C VAL A 485 10.96 -52.65 -0.54
N ARG A 486 11.64 -53.73 -0.97
CA ARG A 486 12.21 -54.74 -0.08
C ARG A 486 13.28 -54.15 0.84
N LEU A 487 14.22 -53.35 0.29
CA LEU A 487 15.26 -52.62 1.07
C LEU A 487 14.56 -51.64 2.04
N LEU A 488 13.45 -51.00 1.60
CA LEU A 488 12.69 -50.09 2.45
C LEU A 488 12.10 -50.77 3.69
N GLN A 489 11.83 -52.10 3.64
CA GLN A 489 11.36 -52.81 4.83
C GLN A 489 12.57 -53.14 5.71
N THR A 490 13.71 -53.51 5.07
CA THR A 490 15.02 -53.80 5.70
C THR A 490 15.58 -52.52 6.39
N VAL A 491 15.33 -51.36 5.77
CA VAL A 491 15.81 -50.06 6.24
C VAL A 491 14.79 -49.36 7.14
N GLY A 492 13.50 -49.62 6.94
CA GLY A 492 12.41 -49.03 7.74
C GLY A 492 12.04 -47.66 7.24
N ILE A 493 10.72 -47.35 7.18
CA ILE A 493 10.22 -46.05 6.69
C ILE A 493 10.85 -44.86 7.42
N GLU A 494 10.73 -44.82 8.77
CA GLU A 494 11.27 -43.70 9.57
C GLU A 494 12.75 -43.45 9.43
N ARG A 495 13.56 -44.50 9.36
CA ARG A 495 14.99 -44.31 9.18
C ARG A 495 15.32 -43.70 7.79
N THR A 496 14.56 -44.13 6.75
CA THR A 496 14.65 -43.65 5.37
C THR A 496 14.17 -42.17 5.29
N ARG A 497 12.99 -41.87 5.87
CA ARG A 497 12.45 -40.51 5.92
C ARG A 497 13.44 -39.58 6.59
N GLN A 498 14.10 -40.06 7.69
CA GLN A 498 15.12 -39.31 8.42
C GLN A 498 16.31 -39.05 7.49
N LEU A 499 16.71 -40.08 6.72
CA LEU A 499 17.82 -40.06 5.76
C LEU A 499 17.53 -39.09 4.62
N PHE A 500 16.30 -39.16 4.07
CA PHE A 500 15.84 -38.25 3.01
C PHE A 500 15.91 -36.82 3.50
N MET A 501 15.44 -36.56 4.76
CA MET A 501 15.49 -35.27 5.43
C MET A 501 16.95 -34.89 5.67
N ASP A 502 17.79 -35.88 6.09
CA ASP A 502 19.24 -35.66 6.28
C ASP A 502 19.88 -35.31 4.95
N PHE A 503 19.41 -35.93 3.79
CA PHE A 503 19.86 -35.63 2.40
C PHE A 503 19.38 -34.25 1.82
N GLY A 504 18.61 -33.48 2.58
CA GLY A 504 18.10 -32.18 2.16
C GLY A 504 16.63 -32.05 1.81
N LEU A 505 15.82 -33.17 1.94
CA LEU A 505 14.37 -33.16 1.59
C LEU A 505 13.49 -32.61 2.73
N GLN A 506 12.23 -32.25 2.41
CA GLN A 506 11.28 -31.62 3.35
C GLN A 506 10.38 -32.63 4.05
N GLU A 507 10.30 -32.56 5.40
CA GLU A 507 9.49 -33.47 6.24
C GLU A 507 8.06 -33.65 5.74
N ASP A 508 7.33 -32.55 5.60
CA ASP A 508 5.95 -32.56 5.14
C ASP A 508 5.77 -32.95 3.67
N GLN A 509 6.88 -33.10 2.91
CA GLN A 509 6.81 -33.49 1.49
C GLN A 509 7.12 -34.98 1.30
N ILE A 510 7.64 -35.63 2.36
CA ILE A 510 7.95 -37.06 2.34
C ILE A 510 6.77 -37.84 2.94
N PRO A 511 6.02 -38.60 2.12
CA PRO A 511 4.94 -39.44 2.66
C PRO A 511 5.42 -40.48 3.70
N ARG A 512 4.48 -40.99 4.53
CA ARG A 512 4.78 -42.01 5.54
C ARG A 512 4.28 -43.37 5.04
N ASN A 513 4.89 -43.87 3.95
CA ASN A 513 4.50 -45.12 3.29
C ASN A 513 5.63 -45.75 2.45
N TYR A 514 5.38 -46.97 1.91
CA TYR A 514 6.36 -47.69 1.10
C TYR A 514 6.57 -47.15 -0.32
N THR A 515 5.74 -46.18 -0.76
CA THR A 515 5.88 -45.60 -2.11
C THR A 515 7.11 -44.68 -2.24
N ILE A 516 7.65 -44.20 -1.11
CA ILE A 516 8.84 -43.33 -1.09
C ILE A 516 10.08 -43.97 -1.72
N ALA A 517 10.15 -45.32 -1.71
CA ALA A 517 11.21 -46.13 -2.33
C ALA A 517 11.25 -45.96 -3.86
N LEU A 518 10.12 -45.54 -4.44
CA LEU A 518 9.94 -45.31 -5.88
C LEU A 518 10.18 -43.86 -6.30
N GLY A 519 10.25 -42.96 -5.32
CA GLY A 519 10.48 -41.55 -5.59
C GLY A 519 9.21 -40.74 -5.70
N THR A 520 8.25 -40.99 -4.77
CA THR A 520 6.98 -40.29 -4.68
C THR A 520 7.06 -38.95 -3.93
N PRO A 521 8.05 -38.68 -3.02
CA PRO A 521 8.09 -37.36 -2.38
C PRO A 521 8.16 -36.19 -3.37
N GLN A 522 7.79 -34.99 -2.93
CA GLN A 522 7.88 -33.80 -3.78
C GLN A 522 9.23 -33.21 -3.39
N VAL A 523 10.06 -32.89 -4.41
CA VAL A 523 11.41 -32.36 -4.20
C VAL A 523 11.65 -31.18 -5.11
N LEU A 524 12.68 -30.39 -4.78
CA LEU A 524 13.16 -29.31 -5.62
C LEU A 524 14.49 -29.82 -6.19
N PRO A 525 14.81 -29.56 -7.47
CA PRO A 525 16.08 -30.04 -8.01
C PRO A 525 17.32 -29.64 -7.20
N ILE A 526 17.27 -28.49 -6.52
CA ILE A 526 18.34 -28.00 -5.63
C ILE A 526 18.59 -28.95 -4.44
N GLN A 527 17.51 -29.56 -3.91
CA GLN A 527 17.53 -30.54 -2.82
C GLN A 527 18.20 -31.81 -3.31
N MET A 528 17.85 -32.27 -4.55
CA MET A 528 18.48 -33.43 -5.22
C MET A 528 20.01 -33.24 -5.38
N ALA A 529 20.46 -32.02 -5.74
CA ALA A 529 21.88 -31.67 -5.88
C ALA A 529 22.54 -31.72 -4.49
N THR A 530 21.79 -31.29 -3.44
CA THR A 530 22.27 -31.32 -2.06
C THR A 530 22.53 -32.78 -1.67
N GLY A 531 21.60 -33.65 -2.03
CA GLY A 531 21.65 -35.09 -1.77
C GLY A 531 22.83 -35.74 -2.42
N TYR A 532 22.95 -35.60 -3.75
CA TYR A 532 24.04 -36.16 -4.56
C TYR A 532 25.42 -35.66 -4.17
N ALA A 533 25.54 -34.40 -3.66
CA ALA A 533 26.80 -33.82 -3.17
C ALA A 533 27.43 -34.74 -2.12
N THR A 534 26.58 -35.44 -1.32
CA THR A 534 26.96 -36.38 -0.27
C THR A 534 27.82 -37.50 -0.81
N PHE A 535 27.51 -37.95 -2.03
CA PHE A 535 28.26 -39.02 -2.70
C PHE A 535 29.57 -38.47 -3.19
N ALA A 536 29.55 -37.28 -3.80
CA ALA A 536 30.72 -36.61 -4.34
C ALA A 536 31.74 -36.15 -3.30
N ASN A 537 31.27 -35.78 -2.09
CA ASN A 537 32.13 -35.23 -1.03
C ASN A 537 32.56 -36.17 0.11
N GLY A 538 32.18 -37.44 0.03
CA GLY A 538 32.57 -38.41 1.03
C GLY A 538 31.61 -38.67 2.17
N GLY A 539 30.37 -38.21 2.05
CA GLY A 539 29.33 -38.50 3.04
C GLY A 539 28.94 -37.38 3.96
N TYR A 540 29.15 -36.13 3.53
CA TYR A 540 28.88 -34.93 4.30
C TYR A 540 27.71 -34.15 3.77
N ARG A 541 27.03 -33.45 4.68
CA ARG A 541 25.89 -32.62 4.39
C ARG A 541 26.36 -31.18 4.24
N VAL A 542 26.25 -30.66 3.01
CA VAL A 542 26.58 -29.27 2.70
C VAL A 542 25.23 -28.56 2.53
N GLN A 543 25.24 -27.22 2.59
CA GLN A 543 24.04 -26.43 2.42
C GLN A 543 24.22 -25.57 1.19
N PRO A 544 23.25 -25.60 0.24
CA PRO A 544 23.41 -24.79 -0.98
C PRO A 544 23.32 -23.30 -0.66
N HIS A 545 24.30 -22.54 -1.16
CA HIS A 545 24.39 -21.11 -0.93
C HIS A 545 24.76 -20.35 -2.19
N PHE A 546 24.20 -19.14 -2.38
CA PHE A 546 24.51 -18.30 -3.56
C PHE A 546 25.29 -17.01 -3.26
N ILE A 547 25.33 -16.56 -2.00
CA ILE A 547 26.08 -15.35 -1.64
C ILE A 547 27.47 -15.73 -1.11
N GLN A 548 28.52 -15.14 -1.72
CA GLN A 548 29.91 -15.29 -1.27
C GLN A 548 30.15 -14.17 -0.24
N ARG A 549 29.80 -12.92 -0.58
CA ARG A 549 29.92 -11.76 0.33
C ARG A 549 28.98 -10.60 -0.10
N ILE A 550 28.60 -9.74 0.85
CA ILE A 550 27.80 -8.55 0.59
C ILE A 550 28.66 -7.34 1.00
N GLU A 551 28.67 -6.30 0.17
CA GLU A 551 29.33 -5.03 0.46
C GLU A 551 28.30 -3.91 0.47
N ASP A 552 28.48 -2.88 1.30
CA ASP A 552 27.58 -1.72 1.25
C ASP A 552 28.00 -0.84 0.04
N ALA A 553 27.24 0.24 -0.27
CA ALA A 553 27.57 1.12 -1.42
C ALA A 553 29.00 1.70 -1.41
N TYR A 554 29.59 1.84 -0.19
CA TYR A 554 30.92 2.39 0.04
C TYR A 554 32.08 1.36 0.07
N GLY A 555 31.81 0.15 -0.42
CA GLY A 555 32.80 -0.92 -0.50
C GLY A 555 33.17 -1.63 0.79
N LYS A 556 32.44 -1.36 1.90
CA LYS A 556 32.71 -2.03 3.16
C LYS A 556 32.05 -3.42 3.12
N VAL A 557 32.80 -4.45 3.50
CA VAL A 557 32.31 -5.82 3.58
C VAL A 557 31.45 -5.96 4.84
N ILE A 558 30.16 -6.24 4.66
CA ILE A 558 29.20 -6.34 5.77
C ILE A 558 28.74 -7.77 6.05
N TYR A 559 29.02 -8.69 5.10
CA TYR A 559 28.75 -10.13 5.20
C TYR A 559 29.82 -10.88 4.42
N GLU A 560 30.41 -11.94 5.03
CA GLU A 560 31.38 -12.84 4.39
C GLU A 560 30.91 -14.27 4.70
N ALA A 561 30.46 -15.06 3.68
CA ALA A 561 29.93 -16.44 3.80
C ALA A 561 30.86 -17.35 4.56
N LYS A 562 30.33 -18.02 5.60
CA LYS A 562 31.09 -18.99 6.41
C LYS A 562 30.39 -20.39 6.21
N PRO A 563 30.55 -21.02 5.00
CA PRO A 563 29.86 -22.29 4.73
C PRO A 563 30.43 -23.46 5.49
N GLU A 564 29.64 -24.54 5.60
CA GLU A 564 30.08 -25.78 6.24
C GLU A 564 30.81 -26.54 5.13
N TYR A 565 32.06 -26.96 5.40
CA TYR A 565 32.88 -27.66 4.42
C TYR A 565 32.92 -29.15 4.68
N ALA A 566 32.83 -29.93 3.60
CA ALA A 566 32.94 -31.37 3.67
C ALA A 566 34.42 -31.69 3.98
N CYS A 567 35.32 -31.10 3.19
CA CYS A 567 36.76 -31.25 3.28
C CYS A 567 37.44 -29.87 3.40
N ILE A 568 37.81 -29.48 4.65
CA ILE A 568 38.51 -28.22 4.95
C ILE A 568 39.90 -28.17 4.24
N PRO A 569 40.71 -29.26 4.20
CA PRO A 569 41.97 -29.18 3.43
C PRO A 569 41.79 -29.00 1.92
N CYS A 570 40.64 -29.39 1.36
CA CYS A 570 40.37 -29.26 -0.09
C CYS A 570 40.23 -27.83 -0.60
N ILE A 571 39.91 -26.88 0.28
CA ILE A 571 39.74 -25.45 -0.03
C ILE A 571 40.87 -24.86 -0.93
N GLN A 618 34.80 -19.61 11.09
CA GLN A 618 35.47 -20.36 10.02
C GLN A 618 36.87 -20.92 10.41
N TYR A 619 37.29 -22.10 9.85
CA TYR A 619 36.53 -22.91 8.88
C TYR A 619 35.56 -23.84 9.56
N ARG A 620 34.33 -23.87 9.06
CA ARG A 620 33.25 -24.70 9.59
C ARG A 620 33.25 -26.13 8.98
N GLN A 621 33.08 -27.15 9.82
CA GLN A 621 33.11 -28.53 9.33
C GLN A 621 31.69 -29.06 9.20
N ALA A 622 31.34 -29.56 8.00
CA ALA A 622 30.04 -30.14 7.71
C ALA A 622 29.89 -31.48 8.45
N GLN A 623 28.65 -31.79 8.85
CA GLN A 623 28.32 -33.04 9.54
C GLN A 623 28.39 -34.20 8.58
N ARG A 624 28.94 -35.31 9.06
CA ARG A 624 28.98 -36.54 8.27
C ARG A 624 27.61 -37.20 8.39
N ILE A 625 26.97 -37.48 7.26
CA ILE A 625 25.65 -38.12 7.28
C ILE A 625 25.66 -39.53 6.70
N LEU A 626 26.84 -40.00 6.27
CA LEU A 626 27.06 -41.30 5.63
C LEU A 626 28.51 -41.80 5.89
N LYS A 627 28.72 -43.14 6.03
CA LYS A 627 30.07 -43.70 6.23
C LYS A 627 30.86 -43.38 4.96
N SER A 628 32.17 -43.14 5.06
CA SER A 628 32.98 -42.90 3.87
C SER A 628 32.75 -44.04 2.89
N SER A 629 32.88 -45.32 3.36
CA SER A 629 32.66 -46.53 2.57
C SER A 629 31.34 -46.47 1.82
N SER A 630 30.23 -46.04 2.49
CA SER A 630 28.90 -45.98 1.85
C SER A 630 28.87 -44.89 0.75
N ALA A 631 29.50 -43.76 1.01
CA ALA A 631 29.57 -42.69 0.03
C ALA A 631 30.49 -43.11 -1.12
N TYR A 632 31.60 -43.79 -0.79
CA TYR A 632 32.59 -44.28 -1.77
C TYR A 632 32.02 -45.39 -2.67
N ASP A 633 31.42 -46.42 -2.06
CA ASP A 633 30.80 -47.50 -2.81
C ASP A 633 29.59 -47.02 -3.66
N MET A 634 28.73 -46.11 -3.13
CA MET A 634 27.61 -45.56 -3.92
C MET A 634 28.16 -44.77 -5.11
N ALA A 635 29.17 -43.86 -4.87
CA ALA A 635 29.78 -43.09 -5.96
C ALA A 635 30.30 -44.03 -7.06
N ASN A 636 31.02 -45.12 -6.68
CA ASN A 636 31.47 -46.12 -7.67
C ASN A 636 30.36 -46.85 -8.39
N ILE A 637 29.23 -47.25 -7.71
CA ILE A 637 28.05 -47.85 -8.37
C ILE A 637 27.56 -46.82 -9.44
N LEU A 638 27.41 -45.54 -9.05
CA LEU A 638 26.94 -44.47 -9.94
C LEU A 638 27.85 -44.21 -11.12
N ARG A 639 29.18 -44.41 -10.96
CA ARG A 639 30.14 -44.27 -12.06
C ARG A 639 29.96 -45.39 -13.07
N ASP A 640 29.75 -46.63 -12.58
CA ASP A 640 29.49 -47.76 -13.45
C ASP A 640 28.22 -47.56 -14.25
N VAL A 641 27.18 -46.93 -13.66
CA VAL A 641 25.89 -46.63 -14.31
C VAL A 641 26.09 -45.79 -15.57
N ILE A 642 26.98 -44.78 -15.51
CA ILE A 642 27.28 -43.88 -16.61
C ILE A 642 28.35 -44.48 -17.58
N GLU A 643 29.34 -45.23 -17.05
CA GLU A 643 30.45 -45.82 -17.82
C GLU A 643 30.12 -47.14 -18.51
N HIS A 644 29.57 -48.10 -17.75
CA HIS A 644 29.25 -49.44 -18.23
C HIS A 644 27.80 -49.55 -18.66
N GLY A 645 26.90 -48.87 -17.96
CA GLY A 645 25.49 -48.82 -18.30
C GLY A 645 25.19 -47.68 -19.25
N THR A 646 24.09 -46.91 -18.99
CA THR A 646 23.56 -45.76 -19.77
C THR A 646 24.23 -45.46 -21.12
N GLY A 647 24.24 -46.50 -21.98
CA GLY A 647 24.83 -46.51 -23.32
C GLY A 647 26.12 -45.71 -23.47
N ARG A 648 27.10 -45.92 -22.54
CA ARG A 648 28.40 -45.25 -22.48
C ARG A 648 28.34 -43.71 -22.52
N ALA A 649 27.60 -43.13 -21.56
CA ALA A 649 27.38 -41.68 -21.41
C ALA A 649 28.65 -40.87 -21.01
N ALA A 650 29.58 -41.49 -20.22
CA ALA A 650 30.86 -40.87 -19.81
C ALA A 650 31.83 -40.92 -20.97
N LEU A 651 31.68 -41.96 -21.84
CA LEU A 651 32.46 -42.17 -23.05
C LEU A 651 32.01 -41.18 -24.15
N LYS A 652 30.87 -40.47 -23.93
CA LYS A 652 30.36 -39.42 -24.81
C LYS A 652 31.12 -38.15 -24.45
N ILE A 653 31.42 -37.96 -23.13
CA ILE A 653 32.17 -36.82 -22.59
C ILE A 653 33.69 -37.01 -22.74
N GLY A 654 34.19 -38.19 -22.37
CA GLY A 654 35.61 -38.51 -22.38
C GLY A 654 36.28 -38.07 -21.09
N ARG A 655 35.76 -38.57 -19.95
CA ARG A 655 36.23 -38.30 -18.59
C ARG A 655 35.97 -39.55 -17.78
N SER A 656 36.80 -39.81 -16.74
CA SER A 656 36.67 -41.04 -15.92
C SER A 656 36.21 -40.77 -14.49
N ASP A 657 35.84 -39.53 -14.19
CA ASP A 657 35.45 -39.09 -12.86
C ASP A 657 33.96 -38.74 -12.79
N LEU A 658 33.12 -39.36 -13.62
CA LEU A 658 31.71 -39.05 -13.62
C LEU A 658 30.83 -40.19 -13.15
N GLY A 659 29.84 -39.86 -12.32
CA GLY A 659 28.85 -40.79 -11.78
C GLY A 659 27.50 -40.15 -11.92
N GLY A 660 26.46 -40.95 -12.08
CA GLY A 660 25.12 -40.39 -12.22
C GLY A 660 24.01 -41.41 -12.26
N LYS A 661 22.77 -40.95 -12.02
CA LYS A 661 21.59 -41.79 -12.02
C LYS A 661 20.47 -41.10 -12.78
N THR A 662 19.83 -41.83 -13.71
CA THR A 662 18.68 -41.32 -14.49
C THR A 662 17.40 -41.61 -13.68
N GLY A 663 16.34 -40.84 -13.95
CA GLY A 663 15.04 -41.04 -13.33
C GLY A 663 13.88 -40.74 -14.27
N THR A 664 12.76 -41.48 -14.15
CA THR A 664 11.53 -41.29 -14.94
C THR A 664 10.31 -41.59 -14.09
N THR A 665 9.40 -40.63 -13.94
CA THR A 665 8.17 -40.85 -13.20
C THR A 665 7.16 -41.56 -14.12
N ASN A 666 6.09 -42.07 -13.51
CA ASN A 666 4.98 -42.73 -14.17
C ASN A 666 4.50 -41.95 -15.36
N ASP A 667 4.34 -42.63 -16.49
CA ASP A 667 3.88 -42.08 -17.76
C ASP A 667 4.79 -41.00 -18.29
N ALA A 668 6.12 -41.15 -18.07
CA ALA A 668 7.16 -40.21 -18.50
C ALA A 668 6.73 -38.72 -18.25
N LYS A 669 6.16 -38.47 -17.06
CA LYS A 669 5.72 -37.13 -16.71
C LYS A 669 6.88 -36.24 -16.32
N ASP A 670 8.03 -36.85 -15.92
CA ASP A 670 9.30 -36.23 -15.53
C ASP A 670 10.44 -37.08 -16.03
N ALA A 671 11.51 -36.41 -16.48
CA ALA A 671 12.77 -36.98 -16.96
C ALA A 671 13.88 -36.26 -16.17
N TRP A 672 14.66 -37.04 -15.39
CA TRP A 672 15.72 -36.52 -14.53
C TRP A 672 17.08 -37.14 -14.76
N PHE A 673 18.10 -36.33 -14.55
CA PHE A 673 19.47 -36.80 -14.48
C PHE A 673 20.23 -36.05 -13.38
N ALA A 674 20.77 -36.80 -12.41
CA ALA A 674 21.54 -36.30 -11.29
C ALA A 674 22.90 -36.98 -11.37
N GLY A 675 23.94 -36.17 -11.48
CA GLY A 675 25.30 -36.66 -11.64
C GLY A 675 26.38 -35.71 -11.19
N PHE A 676 27.59 -36.22 -11.06
CA PHE A 676 28.70 -35.45 -10.50
C PHE A 676 30.10 -35.95 -10.85
N ASN A 677 31.07 -35.19 -10.37
CA ASN A 677 32.49 -35.44 -10.28
C ASN A 677 32.80 -34.89 -8.87
N GLY A 678 34.03 -34.99 -8.39
CA GLY A 678 34.38 -34.52 -7.05
C GLY A 678 34.34 -33.01 -6.86
N LYS A 679 34.19 -32.24 -7.95
CA LYS A 679 34.19 -30.77 -7.90
C LYS A 679 32.91 -30.08 -8.40
N LEU A 680 31.96 -30.83 -8.98
CA LEU A 680 30.72 -30.24 -9.48
C LEU A 680 29.58 -31.27 -9.51
N VAL A 681 28.40 -30.91 -8.94
CA VAL A 681 27.19 -31.75 -8.92
C VAL A 681 26.13 -31.01 -9.77
N THR A 682 25.56 -31.70 -10.77
CA THR A 682 24.53 -31.13 -11.64
C THR A 682 23.31 -32.03 -11.67
N VAL A 683 22.13 -31.37 -11.59
CA VAL A 683 20.84 -32.01 -11.69
C VAL A 683 20.09 -31.32 -12.84
N THR A 684 19.65 -32.11 -13.84
CA THR A 684 18.84 -31.65 -14.96
C THR A 684 17.45 -32.32 -14.88
N TRP A 685 16.41 -31.60 -15.24
CA TRP A 685 15.03 -32.05 -15.27
C TRP A 685 14.37 -31.52 -16.55
N VAL A 686 13.48 -32.32 -17.14
CA VAL A 686 12.68 -31.99 -18.32
C VAL A 686 11.27 -32.51 -18.01
N GLY A 687 10.26 -31.71 -18.34
CA GLY A 687 8.86 -32.06 -18.16
C GLY A 687 7.91 -30.90 -18.43
N PHE A 688 6.60 -31.20 -18.43
CA PHE A 688 5.58 -30.15 -18.62
C PHE A 688 5.08 -29.62 -17.29
N ASP A 689 4.88 -28.28 -17.20
CA ASP A 689 4.38 -27.60 -16.01
C ASP A 689 3.07 -28.20 -15.48
N GLN A 690 2.13 -28.52 -16.38
CA GLN A 690 0.90 -29.24 -16.03
C GLN A 690 1.30 -30.67 -16.43
N PRO A 691 1.59 -31.53 -15.43
CA PRO A 691 2.14 -32.86 -15.74
C PRO A 691 1.42 -33.73 -16.76
N THR A 692 2.04 -33.89 -17.93
CA THR A 692 1.54 -34.72 -19.02
C THR A 692 2.68 -35.56 -19.56
N THR A 693 2.40 -36.66 -20.29
CA THR A 693 3.42 -37.54 -20.82
C THR A 693 4.35 -36.89 -21.82
N LEU A 694 5.66 -37.14 -21.66
CA LEU A 694 6.69 -36.64 -22.56
C LEU A 694 6.75 -37.51 -23.81
N GLY A 695 6.18 -38.71 -23.71
CA GLY A 695 6.17 -39.75 -24.75
C GLY A 695 6.68 -41.05 -24.20
N ARG A 696 6.20 -42.21 -24.72
CA ARG A 696 6.60 -43.57 -24.29
C ARG A 696 8.14 -43.70 -24.17
N ARG A 697 8.85 -43.30 -25.24
CA ARG A 697 10.29 -43.34 -25.45
C ARG A 697 11.07 -42.28 -24.66
N GLU A 698 10.39 -41.46 -23.84
CA GLU A 698 11.03 -40.35 -23.13
C GLU A 698 11.50 -40.54 -21.69
N TYR A 699 12.46 -41.43 -21.48
CA TYR A 699 13.02 -41.64 -20.15
C TYR A 699 13.98 -40.49 -19.78
N GLY A 700 14.47 -40.50 -18.55
CA GLY A 700 15.44 -39.53 -18.03
C GLY A 700 16.66 -39.52 -18.91
N GLY A 701 17.16 -40.73 -19.22
CA GLY A 701 18.31 -40.94 -20.10
C GLY A 701 18.15 -40.38 -21.50
N ILE A 702 16.90 -40.01 -21.86
CA ILE A 702 16.56 -39.49 -23.17
C ILE A 702 16.47 -37.97 -23.17
N ALA A 703 15.68 -37.42 -22.28
CA ALA A 703 15.41 -35.98 -22.22
C ALA A 703 16.39 -35.14 -21.40
N ALA A 704 16.65 -35.52 -20.14
CA ALA A 704 17.53 -34.78 -19.23
C ALA A 704 19.01 -35.03 -19.42
N LEU A 705 19.43 -36.29 -19.68
CA LEU A 705 20.83 -36.67 -19.86
C LEU A 705 21.60 -35.85 -20.93
N PRO A 706 21.05 -35.61 -22.16
CA PRO A 706 21.77 -34.75 -23.13
C PRO A 706 22.12 -33.34 -22.61
N ILE A 707 21.24 -32.72 -21.84
CA ILE A 707 21.49 -31.38 -21.28
C ILE A 707 22.66 -31.49 -20.29
N TRP A 708 22.59 -32.51 -19.41
CA TRP A 708 23.60 -32.80 -18.39
C TRP A 708 24.95 -33.06 -19.06
N ILE A 709 24.97 -33.85 -20.16
CA ILE A 709 26.17 -34.13 -20.95
C ILE A 709 26.80 -32.85 -21.52
N ASN A 710 26.01 -31.99 -22.29
CA ASN A 710 26.61 -30.74 -22.82
C ASN A 710 27.15 -29.86 -21.72
N PHE A 711 26.41 -29.71 -20.60
CA PHE A 711 26.86 -28.85 -19.52
C PHE A 711 28.17 -29.39 -18.93
N MET A 712 28.15 -30.65 -18.42
CA MET A 712 29.31 -31.24 -17.77
C MET A 712 30.56 -31.31 -18.63
N GLY A 713 30.39 -31.64 -19.92
CA GLY A 713 31.50 -31.70 -20.84
C GLY A 713 32.21 -30.38 -21.00
N GLN A 714 31.44 -29.28 -21.13
CA GLN A 714 31.99 -27.94 -21.31
C GLN A 714 32.45 -27.32 -20.02
N ALA A 715 31.66 -27.47 -18.94
CA ALA A 715 31.97 -26.96 -17.60
C ALA A 715 33.28 -27.58 -17.08
N LEU A 716 33.45 -28.90 -17.26
CA LEU A 716 34.62 -29.63 -16.79
C LEU A 716 35.80 -29.62 -17.75
N GLN A 717 35.59 -29.23 -19.03
CA GLN A 717 36.63 -29.13 -20.07
C GLN A 717 37.93 -28.49 -19.52
N GLY A 718 39.03 -29.22 -19.65
CA GLY A 718 40.34 -28.78 -19.20
C GLY A 718 40.54 -28.63 -17.70
N THR A 719 39.97 -29.57 -16.93
CA THR A 719 40.12 -29.67 -15.48
C THR A 719 40.58 -31.10 -15.22
N PRO A 720 41.54 -31.35 -14.33
CA PRO A 720 41.98 -32.74 -14.11
C PRO A 720 40.91 -33.64 -13.49
N ALA A 721 41.16 -34.95 -13.47
CA ALA A 721 40.25 -35.92 -12.85
C ALA A 721 40.00 -35.52 -11.39
N ALA A 722 38.75 -35.63 -10.94
CA ALA A 722 38.38 -35.28 -9.58
C ALA A 722 37.35 -36.28 -9.12
N TRP A 723 37.79 -37.24 -8.31
CA TRP A 723 36.90 -38.27 -7.80
C TRP A 723 36.81 -38.23 -6.28
N VAL A 724 35.90 -39.01 -5.71
CA VAL A 724 35.63 -39.17 -4.28
C VAL A 724 36.83 -39.85 -3.58
N ARG A 725 37.12 -39.52 -2.31
CA ARG A 725 38.23 -40.16 -1.60
C ARG A 725 37.69 -41.09 -0.51
N LEU A 726 38.35 -42.22 -0.31
CA LEU A 726 37.93 -43.18 0.72
C LEU A 726 38.74 -43.02 2.01
N GLU A 727 38.12 -42.43 3.05
CA GLU A 727 38.73 -42.26 4.38
C GLU A 727 38.25 -43.41 5.32
N LYS A 728 38.87 -44.59 5.26
CA LYS A 728 38.45 -45.69 6.13
C LYS A 728 38.94 -45.54 7.58
N LYS B 19 10.53 11.29 17.80
CA LYS B 19 10.39 12.52 17.01
C LYS B 19 9.06 12.63 16.15
N PRO B 20 7.84 12.73 16.78
CA PRO B 20 6.61 12.84 15.96
C PRO B 20 6.27 14.28 15.53
N LEU B 21 5.36 14.42 14.56
CA LEU B 21 4.82 15.70 14.12
C LEU B 21 4.12 16.29 15.36
N GLN B 22 4.55 17.46 15.78
CA GLN B 22 3.97 18.10 16.96
C GLN B 22 3.14 19.32 16.57
N VAL B 23 1.96 19.49 17.20
CA VAL B 23 1.06 20.61 16.92
C VAL B 23 0.96 21.47 18.15
N TYR B 24 1.27 22.76 17.99
CA TYR B 24 1.24 23.77 19.07
C TYR B 24 0.27 24.89 18.76
N THR B 25 -0.38 25.42 19.81
CA THR B 25 -1.22 26.59 19.69
C THR B 25 -0.27 27.87 19.61
N ALA B 26 -0.87 29.07 19.49
CA ALA B 26 -0.14 30.33 19.41
C ALA B 26 0.40 30.79 20.77
N ASP B 27 -0.11 30.18 21.83
CA ASP B 27 0.29 30.43 23.20
C ASP B 27 1.21 29.32 23.71
N ASN B 28 1.76 28.50 22.77
CA ASN B 28 2.80 27.52 23.04
C ASN B 28 2.35 26.26 23.78
N GLN B 29 1.10 25.86 23.62
CA GLN B 29 0.58 24.65 24.26
C GLN B 29 0.72 23.51 23.27
N LEU B 30 1.47 22.46 23.63
CA LEU B 30 1.47 21.26 22.78
C LEU B 30 0.06 20.65 22.87
N ILE B 31 -0.65 20.58 21.72
CA ILE B 31 -2.00 20.03 21.68
C ILE B 31 -2.16 18.69 21.00
N ALA B 32 -1.29 18.38 20.03
CA ALA B 32 -1.36 17.10 19.34
C ALA B 32 0.01 16.54 18.95
N GLU B 33 0.12 15.22 18.85
CA GLU B 33 1.33 14.47 18.42
C GLU B 33 0.94 13.40 17.42
N TYR B 34 1.44 13.54 16.20
CA TYR B 34 1.14 12.59 15.13
C TYR B 34 2.39 11.79 14.75
N GLY B 35 2.38 10.52 15.14
CA GLY B 35 3.49 9.62 14.86
C GLY B 35 3.40 9.01 13.48
N GLY B 36 4.52 9.03 12.75
CA GLY B 36 4.59 8.48 11.40
C GLY B 36 5.31 7.15 11.35
N LYS B 37 6.34 7.04 10.47
CA LYS B 37 7.19 5.86 10.31
C LYS B 37 8.00 5.72 11.57
N LEU B 38 8.03 4.50 12.11
CA LEU B 38 8.72 4.21 13.37
C LEU B 38 9.79 3.17 13.13
N SER B 39 10.96 3.45 13.70
CA SER B 39 12.12 2.59 13.62
C SER B 39 12.88 2.76 14.94
N ILE B 40 12.95 1.68 15.73
CA ILE B 40 13.62 1.67 17.02
C ILE B 40 14.74 0.64 16.86
N PRO B 41 15.94 1.10 16.43
CA PRO B 41 17.05 0.16 16.23
C PRO B 41 17.47 -0.53 17.51
N VAL B 42 17.69 -1.86 17.41
CA VAL B 42 18.15 -2.72 18.52
C VAL B 42 19.44 -3.42 18.10
N GLU B 43 20.29 -3.81 19.07
CA GLU B 43 21.56 -4.49 18.82
C GLU B 43 21.26 -5.99 18.70
N TYR B 44 21.73 -6.63 17.62
CA TYR B 44 21.45 -8.05 17.39
C TYR B 44 21.55 -8.91 18.66
N LYS B 45 22.57 -8.64 19.50
CA LYS B 45 22.76 -9.32 20.78
C LYS B 45 21.56 -9.17 21.73
N GLN B 46 20.82 -8.03 21.69
CA GLN B 46 19.64 -7.80 22.54
C GLN B 46 18.40 -8.58 22.06
N ILE B 47 18.43 -9.18 20.84
CA ILE B 47 17.28 -9.92 20.28
C ILE B 47 17.03 -11.29 20.95
N PRO B 48 15.81 -11.54 21.50
CA PRO B 48 15.52 -12.86 22.08
C PRO B 48 15.76 -13.96 21.05
N PRO B 49 16.44 -15.07 21.42
CA PRO B 49 16.71 -16.13 20.44
C PRO B 49 15.48 -16.74 19.79
N ASN B 50 14.31 -16.66 20.46
CA ASN B 50 13.05 -17.18 19.93
C ASN B 50 12.54 -16.36 18.76
N PHE B 51 12.84 -15.04 18.77
CA PHE B 51 12.45 -14.13 17.70
C PHE B 51 13.26 -14.43 16.43
N ILE B 52 14.54 -14.73 16.60
CA ILE B 52 15.45 -15.07 15.52
C ILE B 52 15.00 -16.39 14.89
N HIS B 53 14.56 -17.33 15.73
CA HIS B 53 14.06 -18.64 15.31
C HIS B 53 12.75 -18.52 14.58
N ALA B 54 11.91 -17.52 14.93
CA ALA B 54 10.63 -17.29 14.28
C ALA B 54 10.90 -16.90 12.82
N PHE B 55 11.86 -15.98 12.57
CA PHE B 55 12.27 -15.57 11.24
C PHE B 55 12.91 -16.73 10.48
N LEU B 56 13.72 -17.52 11.18
CA LEU B 56 14.42 -18.67 10.61
C LEU B 56 13.48 -19.79 10.16
N ALA B 57 12.26 -19.84 10.73
CA ALA B 57 11.23 -20.82 10.42
C ALA B 57 10.09 -20.22 9.60
N ALA B 58 10.23 -18.94 9.19
CA ALA B 58 9.22 -18.21 8.41
C ALA B 58 9.08 -18.70 6.98
N GLU B 59 10.19 -19.23 6.42
CA GLU B 59 10.17 -19.73 5.05
C GLU B 59 10.59 -21.16 5.02
N ASP B 60 10.03 -21.94 4.06
CA ASP B 60 10.38 -23.37 3.93
C ASP B 60 11.82 -23.60 3.48
N SER B 61 12.35 -22.74 2.58
CA SER B 61 13.73 -22.88 2.13
C SER B 61 14.46 -21.56 2.08
N SER B 62 15.77 -21.64 2.37
CA SER B 62 16.73 -20.54 2.38
C SER B 62 18.02 -21.05 1.74
N PHE B 63 18.57 -20.27 0.79
CA PHE B 63 19.77 -20.62 0.02
C PHE B 63 20.84 -19.51 -0.01
N PHE B 64 20.84 -18.56 0.96
CA PHE B 64 21.79 -17.44 1.04
C PHE B 64 23.28 -17.85 1.16
N ASN B 126 18.25 -21.64 8.04
CA ASN B 126 19.52 -22.18 8.56
C ASN B 126 20.55 -21.05 8.79
N LEU B 127 21.70 -21.36 9.47
CA LEU B 127 22.79 -20.44 9.84
C LEU B 127 23.00 -19.21 8.97
N SER B 128 22.98 -19.38 7.63
CA SER B 128 23.18 -18.34 6.62
C SER B 128 22.23 -17.14 6.77
N LYS B 129 20.91 -17.42 6.83
CA LYS B 129 19.83 -16.44 6.99
C LYS B 129 20.05 -15.74 8.32
N GLU B 130 20.53 -16.48 9.33
CA GLU B 130 20.82 -15.92 10.65
C GLU B 130 21.90 -14.85 10.56
N ASP B 131 22.99 -15.07 9.78
CA ASP B 131 24.03 -14.05 9.63
C ASP B 131 23.55 -12.86 8.81
N ILE B 132 22.70 -13.06 7.77
CA ILE B 132 22.21 -11.94 6.93
C ILE B 132 21.08 -11.14 7.57
N LEU B 133 20.35 -11.74 8.53
CA LEU B 133 19.21 -11.12 9.21
C LEU B 133 19.61 -9.83 9.92
N SER B 134 20.84 -9.79 10.53
CA SER B 134 21.37 -8.62 11.23
C SER B 134 21.39 -7.37 10.39
N LEU B 135 21.54 -7.50 9.08
CA LEU B 135 21.54 -6.38 8.14
C LEU B 135 20.15 -5.78 7.92
N TYR B 136 19.07 -6.52 8.23
CA TYR B 136 17.70 -6.10 7.91
C TYR B 136 16.76 -6.03 9.07
N VAL B 137 17.10 -6.68 10.16
CA VAL B 137 16.26 -6.78 11.36
C VAL B 137 15.73 -5.44 11.95
N ASN B 138 16.38 -4.30 11.61
CA ASN B 138 15.97 -2.97 12.09
C ASN B 138 15.29 -2.10 11.03
N LYS B 139 15.31 -2.61 9.77
CA LYS B 139 14.76 -1.89 8.62
C LYS B 139 13.60 -2.59 7.90
N ILE B 140 13.40 -3.91 8.13
CA ILE B 140 12.30 -4.64 7.48
C ILE B 140 10.99 -3.92 7.73
N PHE B 141 10.24 -3.61 6.67
CA PHE B 141 8.93 -2.99 6.77
C PHE B 141 7.98 -4.09 7.18
N LEU B 142 7.20 -3.86 8.25
CA LEU B 142 6.31 -4.88 8.81
C LEU B 142 4.85 -4.44 8.90
N GLY B 143 4.45 -3.51 8.02
CA GLY B 143 3.08 -3.01 7.99
C GLY B 143 2.85 -1.91 9.00
N LYS B 144 1.74 -1.18 8.83
CA LYS B 144 1.28 -0.11 9.74
C LYS B 144 2.41 0.83 10.26
N ASN B 145 3.28 1.33 9.35
CA ASN B 145 4.40 2.25 9.64
C ASN B 145 5.55 1.68 10.50
N ALA B 146 5.59 0.34 10.66
CA ALA B 146 6.62 -0.33 11.46
C ALA B 146 7.79 -0.79 10.63
N TYR B 147 8.97 -0.24 10.95
CA TYR B 147 10.25 -0.58 10.31
C TYR B 147 11.16 -1.17 11.38
N GLY B 148 11.45 -2.44 11.25
CA GLY B 148 12.24 -3.19 12.20
C GLY B 148 11.36 -3.86 13.23
N ILE B 149 11.91 -4.88 13.88
CA ILE B 149 11.24 -5.71 14.89
C ILE B 149 10.73 -4.95 16.09
N ALA B 150 11.54 -4.00 16.64
CA ALA B 150 11.11 -3.18 17.80
C ALA B 150 9.91 -2.27 17.49
N ALA B 151 9.87 -1.66 16.29
CA ALA B 151 8.75 -0.83 15.87
C ALA B 151 7.45 -1.64 15.69
N ALA B 152 7.56 -2.91 15.23
CA ALA B 152 6.39 -3.80 15.07
C ALA B 152 5.85 -4.25 16.44
N ALA B 153 6.78 -4.51 17.41
CA ALA B 153 6.42 -4.92 18.77
C ALA B 153 5.65 -3.76 19.44
N LYS B 154 6.14 -2.54 19.28
CA LYS B 154 5.53 -1.33 19.83
C LYS B 154 4.18 -1.00 19.17
N ILE B 155 4.11 -0.96 17.82
CA ILE B 155 2.89 -0.68 17.04
C ILE B 155 1.76 -1.68 17.20
N TYR B 156 2.07 -2.97 17.11
CA TYR B 156 1.07 -4.03 17.20
C TYR B 156 0.68 -4.47 18.60
N TYR B 157 1.61 -4.45 19.57
CA TYR B 157 1.33 -5.01 20.89
C TYR B 157 1.59 -4.13 22.10
N ASN B 158 2.19 -2.94 21.89
CA ASN B 158 2.59 -2.02 22.95
C ASN B 158 3.65 -2.67 23.84
N LYS B 159 4.53 -3.47 23.20
CA LYS B 159 5.57 -4.24 23.85
C LYS B 159 6.98 -3.97 23.38
N SER B 160 7.97 -4.35 24.20
CA SER B 160 9.36 -4.31 23.80
C SER B 160 9.58 -5.72 23.19
N ILE B 161 10.63 -5.92 22.40
CA ILE B 161 10.85 -7.24 21.77
C ILE B 161 10.90 -8.40 22.76
N ASN B 162 11.51 -8.15 23.96
CA ASN B 162 11.67 -9.11 25.06
C ASN B 162 10.36 -9.43 25.81
N GLU B 163 9.32 -8.63 25.57
CA GLU B 163 7.99 -8.75 26.16
C GLU B 163 7.04 -9.61 25.29
N LEU B 164 7.45 -9.93 24.04
CA LEU B 164 6.62 -10.69 23.10
C LEU B 164 6.58 -12.16 23.44
N SER B 165 5.40 -12.76 23.25
CA SER B 165 5.19 -14.20 23.42
C SER B 165 5.67 -14.90 22.13
N ILE B 166 5.91 -16.22 22.19
CA ILE B 166 6.35 -16.96 21.01
C ILE B 166 5.38 -16.74 19.84
N ALA B 167 4.06 -16.73 20.14
CA ALA B 167 3.01 -16.48 19.14
C ALA B 167 3.15 -15.10 18.51
N GLN B 168 3.52 -14.09 19.32
CA GLN B 168 3.68 -12.72 18.80
C GLN B 168 4.92 -12.56 17.92
N MET B 169 6.01 -13.27 18.24
CA MET B 169 7.25 -13.30 17.45
C MET B 169 6.99 -14.02 16.10
N ALA B 170 6.23 -15.14 16.13
CA ALA B 170 5.82 -15.88 14.94
C ALA B 170 4.91 -14.99 14.05
N MET B 171 4.00 -14.20 14.68
CA MET B 171 3.07 -13.32 13.96
C MET B 171 3.85 -12.31 13.13
N ILE B 172 4.78 -11.59 13.78
CA ILE B 172 5.66 -10.58 13.20
C ILE B 172 6.57 -11.18 12.09
N ALA B 173 7.24 -12.34 12.37
CA ALA B 173 8.10 -13.02 11.39
C ALA B 173 7.37 -13.45 10.09
N GLY B 174 6.04 -13.49 10.14
CA GLY B 174 5.19 -13.83 9.01
C GLY B 174 4.95 -12.67 8.07
N LEU B 175 5.03 -11.44 8.59
CA LEU B 175 4.78 -10.20 7.85
C LEU B 175 5.75 -9.76 6.71
N PRO B 176 7.10 -9.89 6.78
CA PRO B 176 7.94 -9.34 5.69
C PRO B 176 7.55 -9.67 4.24
N LYS B 177 7.20 -10.96 3.97
CA LYS B 177 6.84 -11.49 2.65
C LYS B 177 5.77 -10.65 1.98
N ALA B 178 4.69 -10.27 2.73
CA ALA B 178 3.58 -9.45 2.25
C ALA B 178 2.92 -8.72 3.43
N PRO B 179 3.41 -7.50 3.83
CA PRO B 179 2.82 -6.80 5.01
C PRO B 179 1.35 -6.36 4.92
N SER B 180 0.65 -6.73 3.84
CA SER B 180 -0.76 -6.39 3.63
C SER B 180 -1.62 -7.66 3.54
N LYS B 181 -1.11 -8.71 2.86
CA LYS B 181 -1.76 -10.01 2.71
C LYS B 181 -1.80 -10.73 4.06
N TYR B 182 -0.79 -10.49 4.92
CA TYR B 182 -0.68 -11.17 6.21
C TYR B 182 -0.86 -10.23 7.40
N ASN B 183 -1.28 -8.97 7.17
CA ASN B 183 -1.46 -8.00 8.25
C ASN B 183 -2.53 -8.45 9.27
N PRO B 184 -2.25 -8.45 10.60
CA PRO B 184 -3.26 -8.91 11.57
C PRO B 184 -4.45 -7.95 11.73
N VAL B 185 -4.28 -6.69 11.34
CA VAL B 185 -5.34 -5.70 11.39
C VAL B 185 -6.26 -5.91 10.18
N VAL B 186 -5.70 -5.86 8.95
CA VAL B 186 -6.51 -6.03 7.74
C VAL B 186 -7.05 -7.43 7.53
N ASN B 187 -6.19 -8.47 7.55
CA ASN B 187 -6.64 -9.86 7.35
C ASN B 187 -6.24 -10.77 8.53
N PRO B 188 -6.94 -10.66 9.68
CA PRO B 188 -6.60 -11.50 10.85
C PRO B 188 -6.66 -13.02 10.66
N GLU B 189 -7.55 -13.54 9.78
CA GLU B 189 -7.66 -14.99 9.58
C GLU B 189 -6.43 -15.54 8.80
N ARG B 190 -6.03 -14.83 7.72
CA ARG B 190 -4.88 -15.16 6.88
C ARG B 190 -3.58 -14.99 7.70
N ALA B 191 -3.50 -13.92 8.54
CA ALA B 191 -2.37 -13.65 9.43
C ALA B 191 -2.19 -14.82 10.40
N LEU B 192 -3.29 -15.22 11.10
CA LEU B 192 -3.27 -16.34 12.03
C LEU B 192 -2.86 -17.65 11.35
N GLU B 193 -3.34 -17.87 10.10
CA GLU B 193 -3.07 -19.04 9.24
C GLU B 193 -1.55 -19.15 9.00
N ARG B 194 -0.93 -18.00 8.61
CA ARG B 194 0.50 -17.81 8.37
C ARG B 194 1.30 -18.05 9.66
N ARG B 195 0.89 -17.36 10.77
CA ARG B 195 1.51 -17.47 12.09
C ARG B 195 1.60 -18.92 12.58
N ASN B 196 0.50 -19.68 12.48
CA ASN B 196 0.48 -21.06 12.94
C ASN B 196 1.32 -21.95 12.06
N TRP B 197 1.42 -21.61 10.75
CA TRP B 197 2.29 -22.34 9.84
C TRP B 197 3.74 -22.22 10.34
N ILE B 198 4.16 -20.99 10.73
CA ILE B 198 5.48 -20.70 11.29
C ILE B 198 5.71 -21.43 12.61
N LEU B 199 4.69 -21.44 13.49
CA LEU B 199 4.72 -22.11 14.79
C LEU B 199 4.98 -23.59 14.64
N GLY B 200 4.34 -24.19 13.63
CA GLY B 200 4.51 -25.59 13.28
C GLY B 200 5.93 -25.90 12.82
N ARG B 201 6.51 -24.96 12.00
CA ARG B 201 7.89 -25.06 11.50
C ARG B 201 8.90 -25.01 12.66
N MET B 202 8.67 -24.08 13.62
CA MET B 202 9.49 -23.89 14.82
C MET B 202 9.52 -25.17 15.62
N LEU B 203 8.34 -25.85 15.71
CA LEU B 203 8.22 -27.15 16.40
C LEU B 203 9.02 -28.21 15.67
N GLN B 204 8.82 -28.34 14.32
CA GLN B 204 9.53 -29.29 13.46
C GLN B 204 11.04 -29.13 13.55
N LEU B 205 11.55 -27.89 13.52
CA LEU B 205 12.98 -27.56 13.63
C LEU B 205 13.53 -27.73 15.05
N GLY B 206 12.63 -27.96 16.01
CA GLY B 206 12.96 -28.10 17.43
C GLY B 206 13.43 -26.79 18.05
N TYR B 207 12.87 -25.65 17.61
CA TYR B 207 13.21 -24.33 18.18
C TYR B 207 12.35 -24.10 19.42
N ILE B 208 11.15 -24.69 19.41
CA ILE B 208 10.16 -24.65 20.47
C ILE B 208 9.66 -26.08 20.74
N SER B 209 9.20 -26.32 21.99
CA SER B 209 8.67 -27.60 22.46
C SER B 209 7.16 -27.70 22.18
N GLN B 210 6.60 -28.91 22.28
CA GLN B 210 5.17 -29.16 22.06
C GLN B 210 4.33 -28.30 23.00
N ALA B 211 4.79 -28.13 24.27
CA ALA B 211 4.14 -27.29 25.29
C ALA B 211 4.14 -25.84 24.82
N GLU B 212 5.33 -25.31 24.41
CA GLU B 212 5.48 -23.95 23.88
C GLU B 212 4.57 -23.80 22.65
N TYR B 213 4.55 -24.84 21.77
CA TYR B 213 3.73 -24.89 20.57
C TYR B 213 2.23 -24.84 20.86
N GLN B 214 1.75 -25.77 21.72
CA GLN B 214 0.35 -25.89 22.12
C GLN B 214 -0.18 -24.58 22.72
N LYS B 215 0.62 -23.95 23.61
CA LYS B 215 0.30 -22.69 24.28
C LYS B 215 0.17 -21.58 23.25
N ALA B 216 1.14 -21.51 22.29
CA ALA B 216 1.21 -20.51 21.24
C ALA B 216 0.09 -20.58 20.18
N VAL B 217 -0.23 -21.77 19.66
CA VAL B 217 -1.28 -21.96 18.66
C VAL B 217 -2.68 -21.57 19.23
N ALA B 218 -2.91 -21.86 20.55
CA ALA B 218 -4.13 -21.58 21.31
C ALA B 218 -4.40 -20.09 21.42
N GLU B 219 -3.30 -19.29 21.51
CA GLU B 219 -3.28 -17.83 21.66
C GLU B 219 -4.01 -17.08 20.55
N PRO B 220 -4.85 -16.08 20.92
CA PRO B 220 -5.50 -15.26 19.88
C PRO B 220 -4.51 -14.20 19.35
N ILE B 221 -4.96 -13.33 18.42
CA ILE B 221 -4.10 -12.28 17.87
C ILE B 221 -3.57 -11.31 18.96
N ASN B 222 -4.42 -10.99 19.97
CA ASN B 222 -4.06 -10.17 21.13
C ASN B 222 -3.42 -8.83 20.80
N LEU B 223 -3.86 -8.17 19.71
CA LEU B 223 -3.33 -6.87 19.35
C LEU B 223 -3.62 -5.87 20.47
N ASN B 224 -2.61 -5.09 20.87
CA ASN B 224 -2.73 -4.04 21.87
C ASN B 224 -2.03 -2.83 21.23
N MET B 225 -2.70 -2.22 20.25
CA MET B 225 -2.11 -1.13 19.50
C MET B 225 -2.19 0.21 20.19
N PRO B 226 -1.03 0.82 20.56
CA PRO B 226 -1.10 2.15 21.18
C PRO B 226 -1.48 3.18 20.13
N ASN B 227 -2.41 4.11 20.48
CA ASN B 227 -2.78 5.19 19.56
C ASN B 227 -1.56 6.11 19.46
N ARG B 228 -1.06 6.28 18.26
CA ARG B 228 0.12 7.08 18.00
C ARG B 228 -0.24 8.44 17.46
N ASP B 229 -1.55 8.74 17.46
CA ASP B 229 -2.12 10.00 17.03
C ASP B 229 -2.81 10.61 18.25
N LEU B 230 -2.06 11.37 19.05
CA LEU B 230 -2.56 12.02 20.28
C LEU B 230 -3.27 13.31 19.91
N ASN B 231 -4.58 13.40 20.17
CA ASN B 231 -5.36 14.59 19.88
C ASN B 231 -6.52 14.63 20.89
N ASN B 232 -6.21 14.93 22.14
CA ASN B 232 -7.17 14.93 23.26
C ASN B 232 -7.47 16.31 23.88
N ILE B 233 -6.70 17.35 23.57
CA ILE B 233 -6.93 18.66 24.17
C ILE B 233 -7.95 19.49 23.38
N HIS B 234 -7.67 19.74 22.09
CA HIS B 234 -8.53 20.53 21.18
C HIS B 234 -8.60 19.77 19.87
N PRO B 235 -9.41 18.70 19.82
CA PRO B 235 -9.38 17.81 18.65
C PRO B 235 -9.60 18.40 17.25
N TYR B 236 -10.52 19.34 17.09
CA TYR B 236 -10.76 19.93 15.77
C TYR B 236 -9.54 20.67 15.22
N ALA B 237 -8.74 21.29 16.12
CA ALA B 237 -7.53 22.03 15.80
C ALA B 237 -6.39 21.09 15.36
N GLY B 238 -6.17 20.03 16.15
CA GLY B 238 -5.12 19.06 15.89
C GLY B 238 -5.34 18.35 14.58
N GLU B 239 -6.59 17.87 14.36
CA GLU B 239 -7.01 17.16 13.16
C GLU B 239 -6.92 18.03 11.92
N MET B 240 -7.24 19.33 12.05
CA MET B 240 -7.16 20.29 10.94
C MET B 240 -5.74 20.28 10.35
N VAL B 241 -4.69 20.30 11.22
CA VAL B 241 -3.27 20.27 10.83
C VAL B 241 -2.92 18.95 10.15
N ARG B 242 -3.24 17.81 10.79
CA ARG B 242 -2.96 16.49 10.25
C ARG B 242 -3.66 16.24 8.92
N SER B 243 -4.99 16.43 8.87
CA SER B 243 -5.74 16.16 7.65
C SER B 243 -5.37 17.10 6.50
N GLU B 244 -5.08 18.37 6.79
CA GLU B 244 -4.70 19.29 5.72
C GLU B 244 -3.31 19.00 5.13
N LEU B 245 -2.34 18.64 6.00
CA LEU B 245 -1.00 18.29 5.54
C LEU B 245 -1.01 17.02 4.72
N VAL B 246 -1.76 16.01 5.18
CA VAL B 246 -1.92 14.75 4.47
C VAL B 246 -2.68 14.94 3.15
N LYS B 247 -3.69 15.85 3.11
CA LYS B 247 -4.48 16.12 1.89
C LYS B 247 -3.59 16.66 0.77
N HIS B 248 -2.76 17.69 1.08
CA HIS B 248 -1.89 18.36 0.12
C HIS B 248 -0.52 17.72 -0.14
N PHE B 249 0.03 17.03 0.85
CA PHE B 249 1.37 16.51 0.69
C PHE B 249 1.53 15.00 0.95
N GLY B 250 0.45 14.31 1.28
CA GLY B 250 0.44 12.87 1.58
C GLY B 250 1.01 12.51 2.94
N GLU B 251 1.01 11.18 3.24
CA GLU B 251 1.53 10.66 4.51
C GLU B 251 2.96 11.05 4.89
N GLN B 252 3.82 11.35 3.91
CA GLN B 252 5.20 11.82 4.07
C GLN B 252 5.31 13.10 4.92
N ALA B 253 4.23 13.88 4.97
CA ALA B 253 4.19 15.14 5.72
C ALA B 253 4.29 14.92 7.23
N ILE B 254 3.73 13.77 7.73
CA ILE B 254 3.72 13.33 9.12
C ILE B 254 5.05 12.71 9.54
N ASP B 255 5.76 12.10 8.60
CA ASP B 255 7.05 11.43 8.87
C ASP B 255 8.20 12.43 9.04
N SER B 256 7.90 13.73 8.93
CA SER B 256 8.88 14.80 8.99
C SER B 256 9.46 15.18 10.38
N GLY B 257 8.76 14.82 11.48
CA GLY B 257 9.20 15.16 12.83
C GLY B 257 9.12 16.64 13.20
N TYR B 258 8.55 17.46 12.29
CA TYR B 258 8.38 18.89 12.44
C TYR B 258 7.52 19.29 13.66
N LYS B 259 7.70 20.55 14.11
CA LYS B 259 6.94 21.19 15.18
C LYS B 259 6.10 22.24 14.43
N VAL B 260 4.79 22.00 14.37
CA VAL B 260 3.89 22.89 13.66
C VAL B 260 3.31 23.91 14.66
N TYR B 261 3.68 25.22 14.49
CA TYR B 261 3.22 26.35 15.34
C TYR B 261 2.04 27.03 14.67
N THR B 262 0.83 26.71 15.15
CA THR B 262 -0.42 27.27 14.61
C THR B 262 -0.78 28.66 15.19
N THR B 263 -1.85 29.26 14.64
CA THR B 263 -2.46 30.55 14.95
C THR B 263 -3.53 30.40 16.02
N ILE B 264 -3.86 29.17 16.38
CA ILE B 264 -4.89 28.83 17.37
C ILE B 264 -4.62 29.42 18.76
N ASN B 265 -5.61 30.12 19.33
CA ASN B 265 -5.54 30.65 20.67
C ASN B 265 -6.20 29.60 21.53
N ALA B 266 -5.42 28.95 22.42
CA ALA B 266 -5.91 27.88 23.30
C ALA B 266 -7.11 28.31 24.16
N LYS B 267 -7.03 29.51 24.79
CA LYS B 267 -8.12 30.04 25.64
C LYS B 267 -9.40 30.13 24.82
N ARG B 268 -9.31 30.75 23.64
CA ARG B 268 -10.41 30.96 22.70
C ARG B 268 -10.92 29.68 22.10
N GLN B 269 -10.04 28.67 21.92
CA GLN B 269 -10.42 27.36 21.40
C GLN B 269 -11.31 26.61 22.43
N ALA B 270 -10.97 26.69 23.72
CA ALA B 270 -11.74 26.08 24.81
C ALA B 270 -13.09 26.76 24.94
N ILE B 271 -13.14 28.10 24.72
CA ILE B 271 -14.37 28.86 24.81
C ILE B 271 -15.30 28.39 23.73
N ALA B 272 -14.79 28.32 22.49
CA ALA B 272 -15.53 27.88 21.31
C ALA B 272 -16.12 26.50 21.46
N GLU B 273 -15.34 25.52 21.91
CA GLU B 273 -15.75 24.12 22.17
C GLU B 273 -16.93 24.05 23.13
N LYS B 274 -16.81 24.74 24.29
CA LYS B 274 -17.85 24.84 25.32
C LYS B 274 -19.09 25.58 24.83
N ALA B 275 -18.94 26.72 24.14
CA ALA B 275 -20.07 27.48 23.55
C ALA B 275 -20.90 26.63 22.61
N VAL B 276 -20.21 25.86 21.70
CA VAL B 276 -20.84 25.00 20.70
C VAL B 276 -21.62 23.88 21.40
N GLN B 277 -20.96 23.16 22.32
CA GLN B 277 -21.54 22.10 23.08
C GLN B 277 -22.78 22.59 23.84
N ASP B 278 -22.67 23.72 24.57
CA ASP B 278 -23.80 24.29 25.34
C ASP B 278 -24.94 24.72 24.45
N GLY B 279 -24.64 25.44 23.38
CA GLY B 279 -25.61 25.95 22.42
C GLY B 279 -26.39 24.87 21.71
N LEU B 280 -25.72 23.79 21.31
CA LEU B 280 -26.40 22.68 20.65
C LEU B 280 -27.26 21.87 21.65
N GLU B 281 -26.80 21.76 22.92
CA GLU B 281 -27.55 21.10 24.00
C GLU B 281 -28.80 21.95 24.36
N ALA B 282 -28.70 23.29 24.29
CA ALA B 282 -29.81 24.19 24.57
C ALA B 282 -30.92 23.97 23.53
N TYR B 283 -30.56 23.84 22.24
CA TYR B 283 -31.47 23.61 21.13
C TYR B 283 -32.13 22.26 21.34
N ASP B 284 -31.30 21.24 21.61
CA ASP B 284 -31.72 19.86 21.80
C ASP B 284 -32.73 19.71 22.93
N ARG B 285 -32.42 20.21 24.12
CA ARG B 285 -33.32 20.18 25.28
C ARG B 285 -34.71 20.79 25.00
N ARG B 286 -34.76 21.93 24.27
CA ARG B 286 -36.05 22.55 23.93
C ARG B 286 -36.88 21.81 22.86
N HIS B 287 -36.22 20.94 22.10
CA HIS B 287 -36.84 20.14 21.07
C HIS B 287 -37.31 18.75 21.54
N GLY B 288 -36.96 18.42 22.79
CA GLY B 288 -37.39 17.22 23.51
C GLY B 288 -36.56 15.94 23.44
N TRP B 289 -36.86 15.04 24.39
CA TRP B 289 -36.28 13.71 24.56
C TRP B 289 -36.65 12.80 23.39
N ARG B 290 -35.61 12.34 22.67
CA ARG B 290 -35.74 11.47 21.51
C ARG B 290 -35.58 9.99 21.80
N GLY B 291 -35.63 9.59 23.07
CA GLY B 291 -35.51 8.20 23.47
C GLY B 291 -34.08 7.77 23.71
N ALA B 292 -33.89 6.51 24.10
CA ALA B 292 -32.55 5.98 24.35
C ALA B 292 -31.84 5.66 23.04
N GLU B 293 -30.51 5.92 23.00
CA GLU B 293 -29.67 5.64 21.83
C GLU B 293 -29.62 4.18 21.38
N ALA B 294 -29.97 3.23 22.28
CA ALA B 294 -30.01 1.80 22.01
C ALA B 294 -30.74 1.07 23.12
N HIS B 295 -31.27 -0.12 22.82
CA HIS B 295 -31.98 -0.97 23.79
C HIS B 295 -31.48 -2.40 23.58
N ASP B 296 -31.19 -3.08 24.71
CA ASP B 296 -30.70 -4.45 24.76
C ASP B 296 -29.45 -4.70 23.90
N LYS B 297 -28.40 -3.90 24.17
CA LYS B 297 -27.12 -3.97 23.49
C LYS B 297 -26.00 -3.95 24.56
N PRO B 298 -24.79 -4.51 24.28
CA PRO B 298 -23.72 -4.49 25.32
C PRO B 298 -23.13 -3.09 25.56
N LEU B 299 -23.12 -2.68 26.84
CA LEU B 299 -22.62 -1.37 27.32
C LEU B 299 -21.16 -1.07 26.93
N SER B 300 -20.37 -2.12 26.67
CA SER B 300 -18.98 -2.07 26.24
C SER B 300 -18.88 -1.49 24.82
N GLU B 301 -19.97 -1.60 24.05
CA GLU B 301 -20.06 -1.10 22.67
C GLU B 301 -20.35 0.43 22.53
N PHE B 302 -20.37 1.19 23.66
CA PHE B 302 -20.63 2.64 23.66
C PHE B 302 -19.47 3.44 24.30
N ARG B 303 -19.04 4.56 23.70
CA ARG B 303 -17.93 5.38 24.23
C ARG B 303 -18.34 6.76 24.79
N ALA B 304 -17.78 7.15 25.97
CA ALA B 304 -17.99 8.46 26.59
C ALA B 304 -17.36 9.59 25.76
N TYR B 305 -18.01 10.78 25.78
CA TYR B 305 -17.58 12.02 25.09
C TYR B 305 -18.46 13.19 25.44
N ALA B 306 -17.98 14.40 25.18
CA ALA B 306 -18.67 15.67 25.47
C ALA B 306 -19.29 15.67 26.87
N ASN B 307 -18.61 14.99 27.84
CA ASN B 307 -19.01 14.86 29.25
C ASN B 307 -20.39 14.16 29.38
N THR B 308 -20.52 13.04 28.63
CA THR B 308 -21.68 12.18 28.59
C THR B 308 -21.15 10.75 28.66
N TYR B 309 -21.72 9.98 29.61
CA TYR B 309 -21.29 8.62 29.94
C TYR B 309 -22.37 7.56 29.67
N PRO B 310 -22.02 6.58 28.80
CA PRO B 310 -22.97 5.48 28.48
C PRO B 310 -23.42 4.70 29.72
N ALA B 311 -24.73 4.56 29.87
CA ALA B 311 -25.34 3.90 30.99
C ALA B 311 -26.42 2.94 30.54
N GLN B 312 -26.54 1.79 31.25
CA GLN B 312 -27.52 0.73 31.00
C GLN B 312 -28.54 0.84 32.12
N VAL B 313 -29.84 1.05 31.77
CA VAL B 313 -30.92 1.18 32.75
C VAL B 313 -31.25 -0.19 33.35
N THR B 314 -31.12 -0.33 34.68
CA THR B 314 -31.31 -1.62 35.36
C THR B 314 -32.56 -1.72 36.21
N LYS B 315 -33.12 -0.56 36.63
CA LYS B 315 -34.34 -0.50 37.43
C LYS B 315 -35.12 0.78 37.10
N VAL B 316 -36.48 0.72 37.08
CA VAL B 316 -37.34 1.88 36.79
C VAL B 316 -38.41 2.04 37.89
N ASN B 317 -38.32 3.12 38.68
CA ASN B 317 -39.24 3.41 39.78
C ASN B 317 -40.32 4.43 39.36
N SER B 318 -40.98 5.08 40.34
CA SER B 318 -42.02 6.08 40.09
C SER B 318 -41.43 7.41 39.58
N SER B 319 -40.56 8.02 40.40
CA SER B 319 -39.89 9.30 40.15
C SER B 319 -38.39 9.15 39.87
N SER B 320 -37.84 7.93 39.96
CA SER B 320 -36.42 7.70 39.76
C SER B 320 -36.15 6.47 38.91
N PHE B 321 -34.87 6.23 38.62
CA PHE B 321 -34.36 5.07 37.88
C PHE B 321 -32.89 4.81 38.24
N GLU B 322 -32.55 3.52 38.43
CA GLU B 322 -31.21 3.07 38.75
C GLU B 322 -30.54 2.65 37.45
N ALA B 323 -29.25 2.98 37.31
CA ALA B 323 -28.50 2.68 36.10
C ALA B 323 -27.04 2.31 36.36
N LEU B 324 -26.56 1.30 35.60
CA LEU B 324 -25.22 0.75 35.65
C LEU B 324 -24.32 1.48 34.68
N MET B 325 -23.13 1.91 35.16
CA MET B 325 -22.08 2.63 34.42
C MET B 325 -21.11 1.65 33.79
N GLN B 326 -20.12 2.20 33.05
CA GLN B 326 -19.09 1.38 32.38
C GLN B 326 -17.98 0.92 33.33
N ASP B 327 -17.95 1.51 34.56
CA ASP B 327 -17.01 1.13 35.62
C ASP B 327 -17.64 0.02 36.47
N GLY B 328 -18.94 -0.21 36.29
CA GLY B 328 -19.70 -1.24 36.99
C GLY B 328 -20.57 -0.74 38.12
N SER B 329 -20.49 0.57 38.46
CA SER B 329 -21.28 1.14 39.55
C SER B 329 -22.72 1.41 39.14
N THR B 330 -23.65 1.38 40.11
CA THR B 330 -25.06 1.67 39.89
C THR B 330 -25.38 3.05 40.43
N VAL B 331 -25.84 3.95 39.56
CA VAL B 331 -26.19 5.30 39.98
C VAL B 331 -27.71 5.46 40.03
N THR B 332 -28.19 6.50 40.69
CA THR B 332 -29.62 6.81 40.77
C THR B 332 -29.93 8.22 40.20
N VAL B 333 -30.78 8.26 39.16
CA VAL B 333 -31.21 9.53 38.59
C VAL B 333 -32.57 9.86 39.21
N GLN B 334 -32.64 10.96 39.98
CA GLN B 334 -33.86 11.45 40.60
C GLN B 334 -34.72 12.24 39.60
N TRP B 335 -35.97 12.52 39.96
CA TRP B 335 -36.89 13.25 39.09
C TRP B 335 -36.34 14.52 38.43
N SER B 336 -35.65 15.38 39.21
CA SER B 336 -35.04 16.63 38.74
C SER B 336 -34.07 16.39 37.56
N GLY B 337 -33.43 15.23 37.51
CA GLY B 337 -32.49 14.86 36.46
C GLY B 337 -33.10 14.29 35.18
N MET B 338 -34.44 14.12 35.13
CA MET B 338 -35.14 13.54 33.99
C MET B 338 -36.48 14.23 33.66
N SER B 339 -36.99 15.07 34.57
CA SER B 339 -38.25 15.83 34.43
C SER B 339 -38.34 16.68 33.17
N TRP B 340 -37.18 17.07 32.59
CA TRP B 340 -37.06 17.88 31.36
C TRP B 340 -37.54 17.10 30.12
N ALA B 341 -37.55 15.76 30.20
CA ALA B 341 -37.84 14.84 29.11
C ALA B 341 -39.23 14.83 28.46
N ARG B 342 -39.73 16.02 27.98
CA ARG B 342 -40.99 16.10 27.20
C ARG B 342 -40.66 15.31 25.91
N PRO B 343 -41.51 14.40 25.42
CA PRO B 343 -41.11 13.63 24.23
C PRO B 343 -41.10 14.42 22.94
N TYR B 344 -40.07 14.19 22.13
CA TYR B 344 -39.93 14.76 20.80
C TYR B 344 -41.05 14.18 19.91
N ARG B 345 -41.74 15.02 19.19
CA ARG B 345 -42.76 14.50 18.28
C ARG B 345 -42.27 14.77 16.87
N ASN B 346 -41.88 16.01 16.65
CA ASN B 346 -41.30 16.49 15.39
C ASN B 346 -40.58 17.80 15.70
N ALA B 347 -39.90 18.42 14.74
CA ALA B 347 -39.18 19.68 15.01
C ALA B 347 -40.06 20.75 15.60
N ASN B 348 -41.35 20.73 15.27
CA ASN B 348 -42.32 21.73 15.72
C ASN B 348 -43.31 21.28 16.79
N SER B 349 -43.03 20.19 17.49
CA SER B 349 -43.95 19.64 18.48
C SER B 349 -43.25 18.73 19.47
N VAL B 350 -43.53 18.96 20.75
CA VAL B 350 -43.05 18.14 21.85
C VAL B 350 -44.28 17.77 22.66
N GLY B 351 -44.27 16.56 23.20
CA GLY B 351 -45.36 16.06 24.02
C GLY B 351 -45.41 16.69 25.39
N ALA B 352 -46.41 16.30 26.18
CA ALA B 352 -46.59 16.80 27.53
C ALA B 352 -45.43 16.38 28.43
N ALA B 353 -45.20 17.20 29.49
CA ALA B 353 -44.18 16.95 30.51
C ALA B 353 -44.38 15.53 31.10
N PRO B 354 -43.31 14.70 31.20
CA PRO B 354 -43.51 13.34 31.72
C PRO B 354 -44.00 13.36 33.16
N SER B 355 -44.90 12.43 33.49
CA SER B 355 -45.50 12.30 34.81
C SER B 355 -44.92 11.13 35.60
N ARG B 356 -44.05 10.31 34.98
CA ARG B 356 -43.39 9.15 35.62
C ARG B 356 -42.15 8.71 34.84
N ALA B 357 -41.17 8.10 35.55
CA ALA B 357 -39.91 7.62 35.00
C ALA B 357 -40.09 6.57 33.90
N SER B 358 -41.20 5.79 33.96
CA SER B 358 -41.52 4.75 32.98
C SER B 358 -41.81 5.28 31.56
N GLN B 359 -42.28 6.53 31.45
CA GLN B 359 -42.57 7.19 30.16
C GLN B 359 -41.28 7.64 29.46
N ILE B 360 -40.16 7.70 30.20
CA ILE B 360 -38.86 8.14 29.68
C ILE B 360 -37.93 6.96 29.39
N VAL B 361 -37.76 6.05 30.37
CA VAL B 361 -36.86 4.90 30.24
C VAL B 361 -37.52 3.53 30.49
N LYS B 362 -36.92 2.52 29.84
CA LYS B 362 -37.24 1.10 29.93
C LYS B 362 -35.97 0.46 30.53
N VAL B 363 -36.08 -0.71 31.18
CA VAL B 363 -34.91 -1.43 31.67
C VAL B 363 -34.21 -1.99 30.39
N LYS B 364 -32.88 -2.04 30.37
CA LYS B 364 -32.02 -2.48 29.27
C LYS B 364 -31.77 -1.39 28.21
N ASP B 365 -32.40 -0.21 28.39
CA ASP B 365 -32.24 0.97 27.53
C ASP B 365 -30.84 1.50 27.78
N ILE B 366 -30.20 2.02 26.72
CA ILE B 366 -28.86 2.62 26.82
C ILE B 366 -28.99 4.16 26.82
N VAL B 367 -28.73 4.77 27.97
CA VAL B 367 -28.82 6.21 28.14
C VAL B 367 -27.45 6.90 28.31
N ARG B 368 -27.45 8.23 28.22
CA ARG B 368 -26.23 9.00 28.42
C ARG B 368 -26.44 9.80 29.69
N LEU B 369 -25.49 9.72 30.62
CA LEU B 369 -25.61 10.47 31.87
C LEU B 369 -24.49 11.50 32.06
N ARG B 370 -24.76 12.48 32.91
CA ARG B 370 -23.77 13.50 33.17
C ARG B 370 -23.76 13.82 34.65
N PRO B 371 -22.58 13.70 35.32
CA PRO B 371 -22.54 14.04 36.74
C PRO B 371 -22.41 15.55 36.94
N ASN B 372 -22.74 16.05 38.15
CA ASN B 372 -22.49 17.45 38.48
C ASN B 372 -20.98 17.58 38.78
N GLU B 373 -20.50 18.78 39.15
CA GLU B 373 -19.09 18.99 39.46
C GLU B 373 -18.59 18.07 40.62
N ALA B 374 -19.46 17.85 41.63
CA ALA B 374 -19.16 17.03 42.79
C ALA B 374 -19.05 15.53 42.54
N LYS B 375 -19.83 14.99 41.57
CA LYS B 375 -20.03 13.56 41.25
C LYS B 375 -20.95 12.94 42.34
N THR B 376 -21.84 13.76 42.91
CA THR B 376 -22.80 13.37 43.96
C THR B 376 -24.20 13.11 43.36
N ALA B 377 -24.52 13.83 42.26
CA ALA B 377 -25.76 13.77 41.50
C ALA B 377 -25.49 13.49 40.04
N TRP B 378 -26.47 12.85 39.37
CA TRP B 378 -26.43 12.50 37.94
C TRP B 378 -27.74 12.85 37.31
N SER B 379 -27.68 13.31 36.06
CA SER B 379 -28.87 13.66 35.31
C SER B 379 -28.84 12.94 33.99
N LEU B 380 -30.04 12.75 33.41
CA LEU B 380 -30.20 12.15 32.10
C LEU B 380 -29.99 13.27 31.04
N VAL B 381 -28.98 13.08 30.20
CA VAL B 381 -28.69 14.04 29.14
C VAL B 381 -28.97 13.37 27.80
N GLN B 382 -28.81 14.13 26.72
CA GLN B 382 -29.01 13.63 25.36
C GLN B 382 -27.93 14.26 24.46
N VAL B 383 -27.39 13.45 23.56
CA VAL B 383 -26.42 13.91 22.58
C VAL B 383 -27.25 14.53 21.45
N PRO B 384 -27.03 15.81 21.12
CA PRO B 384 -27.80 16.44 20.02
C PRO B 384 -27.73 15.74 18.68
N LYS B 385 -28.84 15.70 17.92
CA LYS B 385 -28.85 15.17 16.54
C LYS B 385 -28.43 16.37 15.64
N VAL B 386 -28.83 17.58 16.06
CA VAL B 386 -28.45 18.79 15.38
C VAL B 386 -26.94 18.98 15.45
N GLN B 387 -26.39 19.70 14.46
CA GLN B 387 -24.97 20.03 14.41
C GLN B 387 -24.77 21.53 14.38
N GLY B 388 -23.53 21.91 14.57
CA GLY B 388 -23.11 23.30 14.55
C GLY B 388 -21.64 23.42 14.27
N GLN B 389 -21.16 24.67 14.25
CA GLN B 389 -19.77 25.00 14.04
C GLN B 389 -19.50 26.42 14.46
N LEU B 390 -18.24 26.73 14.69
CA LEU B 390 -17.77 28.05 15.02
C LEU B 390 -16.40 28.19 14.37
N ILE B 391 -16.15 29.34 13.76
CA ILE B 391 -14.88 29.71 13.14
C ILE B 391 -14.59 31.15 13.56
N ALA B 392 -13.39 31.39 14.13
CA ALA B 392 -12.98 32.73 14.57
C ALA B 392 -11.62 33.06 13.92
N ILE B 393 -11.57 34.17 13.20
CA ILE B 393 -10.36 34.59 12.51
C ILE B 393 -9.98 36.01 12.91
N ASN B 394 -8.70 36.34 12.74
CA ASN B 394 -8.20 37.70 12.93
C ASN B 394 -8.43 38.44 11.60
N PRO B 395 -9.19 39.58 11.61
CA PRO B 395 -9.46 40.29 10.34
C PRO B 395 -8.28 40.96 9.63
N ASN B 396 -7.18 41.14 10.33
CA ASN B 396 -6.02 41.79 9.74
C ASN B 396 -5.16 40.82 8.92
N ASP B 397 -5.14 39.52 9.27
CA ASP B 397 -4.29 38.58 8.55
C ASP B 397 -4.92 37.25 8.15
N GLY B 398 -6.11 36.96 8.66
CA GLY B 398 -6.78 35.71 8.32
C GLY B 398 -6.41 34.55 9.22
N SER B 399 -5.69 34.83 10.36
CA SER B 399 -5.28 33.86 11.37
C SER B 399 -6.47 33.17 11.97
N ILE B 400 -6.49 31.83 11.89
CA ILE B 400 -7.58 31.03 12.45
C ILE B 400 -7.33 30.88 13.96
N GLU B 401 -8.08 31.65 14.76
CA GLU B 401 -7.97 31.66 16.22
C GLU B 401 -8.69 30.56 16.97
N ALA B 402 -9.85 30.13 16.48
CA ALA B 402 -10.64 29.06 17.08
C ALA B 402 -11.46 28.41 15.98
N ILE B 403 -11.57 27.09 16.05
CA ILE B 403 -12.29 26.30 15.09
C ILE B 403 -12.93 25.10 15.79
N VAL B 404 -14.25 24.96 15.57
CA VAL B 404 -15.06 23.85 16.08
C VAL B 404 -15.88 23.37 14.88
N GLY B 405 -15.62 22.13 14.44
CA GLY B 405 -16.29 21.55 13.28
C GLY B 405 -17.59 20.83 13.53
N GLY B 406 -17.96 20.63 14.79
CA GLY B 406 -19.20 19.93 15.12
C GLY B 406 -19.43 19.84 16.60
N TYR B 407 -20.47 19.15 17.03
CA TYR B 407 -20.78 19.02 18.46
C TYR B 407 -19.55 18.47 19.26
N ASN B 408 -18.87 17.47 18.69
CA ASN B 408 -17.72 16.82 19.29
C ASN B 408 -17.01 15.98 18.23
N PHE B 409 -15.67 16.11 18.18
CA PHE B 409 -14.77 15.37 17.29
C PHE B 409 -14.91 13.83 17.36
N TYR B 410 -15.26 13.27 18.54
CA TYR B 410 -15.41 11.82 18.59
C TYR B 410 -16.66 11.41 17.83
N GLN B 411 -17.73 12.18 18.00
CA GLN B 411 -19.01 11.92 17.35
C GLN B 411 -18.80 11.93 15.83
N SER B 412 -18.22 13.01 15.28
CA SER B 412 -17.88 13.09 13.85
C SER B 412 -16.58 13.88 13.59
N LYS B 413 -15.63 13.24 12.88
CA LYS B 413 -14.35 13.82 12.50
C LYS B 413 -14.46 14.93 11.41
N PHE B 414 -15.66 15.06 10.78
CA PHE B 414 -15.99 16.02 9.74
C PHE B 414 -15.99 17.42 10.36
N ASN B 415 -15.33 18.38 9.69
CA ASN B 415 -15.19 19.75 10.15
C ASN B 415 -16.05 20.66 9.27
N ARG B 416 -17.20 21.02 9.82
CA ARG B 416 -18.22 21.83 9.18
C ARG B 416 -17.78 23.26 8.85
N ALA B 417 -16.77 23.79 9.56
CA ALA B 417 -16.22 25.11 9.29
C ALA B 417 -15.46 25.13 7.95
N LEU B 418 -14.81 24.00 7.59
CA LEU B 418 -13.99 23.87 6.38
C LEU B 418 -14.61 23.03 5.27
N GLN B 419 -15.49 22.09 5.61
CA GLN B 419 -16.04 21.18 4.61
C GLN B 419 -17.55 21.22 4.45
N GLY B 420 -18.26 21.92 5.35
CA GLY B 420 -19.72 21.98 5.27
C GLY B 420 -20.36 23.02 4.36
N TRP B 421 -20.66 22.68 3.10
CA TRP B 421 -21.29 23.58 2.12
C TRP B 421 -22.76 23.82 2.42
N ARG B 422 -23.12 25.06 2.80
CA ARG B 422 -24.50 25.40 3.09
C ARG B 422 -24.85 26.76 2.47
N GLN B 423 -26.16 27.10 2.43
CA GLN B 423 -26.60 28.41 1.94
C GLN B 423 -26.51 29.43 3.08
N PRO B 424 -25.85 30.61 2.87
CA PRO B 424 -25.72 31.59 3.97
C PRO B 424 -26.97 32.40 4.31
N GLY B 425 -28.01 32.33 3.47
CA GLY B 425 -29.22 33.10 3.74
C GLY B 425 -28.94 34.59 3.71
N SER B 426 -29.48 35.33 4.66
CA SER B 426 -29.31 36.78 4.66
C SER B 426 -27.93 37.29 5.11
N THR B 427 -27.00 36.36 5.44
CA THR B 427 -25.64 36.76 5.87
C THR B 427 -24.81 37.23 4.64
N ILE B 428 -25.34 36.99 3.40
CA ILE B 428 -24.75 37.47 2.15
C ILE B 428 -25.13 38.93 1.86
N LYS B 429 -26.30 39.39 2.36
CA LYS B 429 -26.80 40.74 2.12
C LYS B 429 -25.74 41.83 2.31
N PRO B 430 -24.91 41.84 3.40
CA PRO B 430 -23.87 42.88 3.49
C PRO B 430 -22.91 42.92 2.28
N PHE B 431 -22.60 41.78 1.65
CA PHE B 431 -21.73 41.79 0.48
C PHE B 431 -22.38 42.62 -0.65
N LEU B 432 -23.65 42.33 -0.96
CA LEU B 432 -24.44 43.03 -1.97
C LEU B 432 -24.62 44.53 -1.64
N TYR B 433 -25.05 44.84 -0.39
CA TYR B 433 -25.25 46.23 0.04
C TYR B 433 -23.94 47.04 0.01
N ALA B 434 -22.77 46.39 0.21
CA ALA B 434 -21.46 47.04 0.09
C ALA B 434 -21.26 47.48 -1.40
N LEU B 435 -21.68 46.62 -2.39
CA LEU B 435 -21.60 46.98 -3.82
C LEU B 435 -22.45 48.22 -4.12
N ALA B 436 -23.65 48.34 -3.52
CA ALA B 436 -24.53 49.49 -3.67
C ALA B 436 -23.84 50.75 -3.09
N LEU B 437 -23.13 50.59 -1.95
CA LEU B 437 -22.39 51.71 -1.34
C LEU B 437 -21.24 52.11 -2.25
N GLU B 438 -20.56 51.11 -2.83
CA GLU B 438 -19.45 51.27 -3.76
C GLU B 438 -19.83 52.09 -4.98
N ARG B 439 -21.00 51.81 -5.56
CA ARG B 439 -21.52 52.43 -6.78
C ARG B 439 -22.21 53.78 -6.58
N GLY B 440 -22.16 54.33 -5.36
CA GLY B 440 -22.68 55.66 -5.08
C GLY B 440 -23.75 55.83 -4.00
N MET B 441 -24.25 54.74 -3.41
CA MET B 441 -25.28 54.88 -2.39
C MET B 441 -24.67 55.02 -1.00
N THR B 442 -25.48 55.45 -0.02
CA THR B 442 -25.05 55.65 1.36
C THR B 442 -25.99 54.85 2.28
N PRO B 443 -25.68 54.69 3.59
CA PRO B 443 -26.61 53.99 4.49
C PRO B 443 -27.95 54.71 4.64
N TYR B 444 -27.97 56.01 4.27
CA TYR B 444 -29.14 56.87 4.37
C TYR B 444 -29.94 56.97 3.09
N SER B 445 -29.38 56.48 1.96
CA SER B 445 -30.02 56.50 0.65
C SER B 445 -31.34 55.82 0.73
N MET B 446 -32.36 56.45 0.13
CA MET B 446 -33.72 55.94 0.11
C MET B 446 -33.85 54.80 -0.88
N VAL B 447 -34.36 53.66 -0.38
CA VAL B 447 -34.58 52.47 -1.19
C VAL B 447 -36.04 52.04 -1.09
N ASN B 448 -36.51 51.29 -2.09
CA ASN B 448 -37.92 50.92 -2.18
C ASN B 448 -38.22 49.48 -1.80
N ASP B 449 -38.96 49.29 -0.68
CA ASP B 449 -39.44 47.99 -0.22
C ASP B 449 -40.88 47.85 -0.73
N SER B 450 -41.03 47.26 -1.93
CA SER B 450 -42.31 47.12 -2.62
C SER B 450 -42.39 45.77 -3.32
N PRO B 451 -43.57 45.32 -3.83
CA PRO B 451 -43.59 44.05 -4.57
C PRO B 451 -42.75 44.14 -5.85
N ILE B 452 -42.16 43.00 -6.27
CA ILE B 452 -41.28 42.93 -7.44
C ILE B 452 -41.31 41.50 -8.03
N THR B 453 -41.55 41.41 -9.35
CA THR B 453 -41.60 40.14 -10.08
C THR B 453 -40.52 40.11 -11.14
N ILE B 454 -39.88 38.95 -11.30
CA ILE B 454 -38.86 38.70 -12.31
C ILE B 454 -39.23 37.36 -12.91
N GLY B 455 -39.93 37.43 -14.03
CA GLY B 455 -40.45 36.26 -14.73
C GLY B 455 -41.61 35.69 -13.93
N LYS B 456 -41.41 34.47 -13.40
CA LYS B 456 -42.39 33.77 -12.56
C LYS B 456 -42.09 34.03 -11.09
N TRP B 457 -40.81 34.38 -10.79
CA TRP B 457 -40.27 34.63 -9.46
C TRP B 457 -40.75 35.93 -8.82
N THR B 458 -41.43 35.78 -7.70
CA THR B 458 -41.96 36.90 -6.91
C THR B 458 -41.35 36.83 -5.49
N PRO B 459 -40.13 37.38 -5.27
CA PRO B 459 -39.54 37.32 -3.93
C PRO B 459 -40.39 38.06 -2.91
N LYS B 460 -40.59 37.42 -1.75
CA LYS B 460 -41.41 37.96 -0.66
C LYS B 460 -40.59 38.09 0.63
N ASN B 461 -40.97 39.04 1.50
CA ASN B 461 -40.29 39.23 2.76
C ASN B 461 -40.73 38.20 3.80
N SER B 462 -39.87 37.94 4.83
CA SER B 462 -40.14 36.97 5.92
C SER B 462 -41.52 37.14 6.53
N ASP B 463 -41.91 38.41 6.77
CA ASP B 463 -43.19 38.81 7.35
C ASP B 463 -44.34 38.88 6.35
N GLY B 464 -44.02 38.86 5.06
CA GLY B 464 -44.99 38.95 3.97
C GLY B 464 -45.61 40.33 3.79
N ARG B 465 -44.97 41.38 4.38
CA ARG B 465 -45.40 42.78 4.36
C ARG B 465 -44.39 43.68 3.62
N TYR B 466 -44.83 44.91 3.20
CA TYR B 466 -43.97 45.88 2.52
C TYR B 466 -43.91 47.22 3.27
N LEU B 467 -42.74 47.88 3.28
CA LEU B 467 -42.54 49.13 4.03
C LEU B 467 -42.35 50.41 3.20
N GLY B 468 -42.33 50.28 1.87
CA GLY B 468 -42.13 51.42 0.97
C GLY B 468 -40.74 52.03 0.99
N MET B 469 -40.65 53.37 0.84
CA MET B 469 -39.38 54.10 0.85
C MET B 469 -38.80 54.15 2.26
N ILE B 470 -37.63 53.52 2.43
CA ILE B 470 -36.88 53.42 3.71
C ILE B 470 -35.41 53.65 3.45
N PRO B 471 -34.62 54.11 4.44
CA PRO B 471 -33.17 54.23 4.18
C PRO B 471 -32.52 52.84 4.04
N LEU B 472 -31.44 52.74 3.23
CA LEU B 472 -30.67 51.54 2.92
C LEU B 472 -30.35 50.68 4.17
N ARG B 473 -29.96 51.35 5.26
CA ARG B 473 -29.65 50.66 6.52
C ARG B 473 -30.83 49.93 7.17
N ARG B 474 -32.07 50.50 7.09
CA ARG B 474 -33.29 49.90 7.63
C ARG B 474 -33.53 48.61 6.89
N ALA B 475 -33.33 48.64 5.53
CA ALA B 475 -33.48 47.49 4.62
C ALA B 475 -32.51 46.38 4.95
N LEU B 476 -31.32 46.73 5.44
CA LEU B 476 -30.35 45.71 5.81
C LEU B 476 -30.63 45.13 7.18
N TYR B 477 -30.92 45.98 8.18
CA TYR B 477 -31.21 45.45 9.50
C TYR B 477 -32.54 44.76 9.66
N LEU B 478 -33.43 44.88 8.65
CA LEU B 478 -34.73 44.21 8.65
C LEU B 478 -34.84 43.11 7.59
N SER B 479 -33.71 42.78 6.91
CA SER B 479 -33.59 41.76 5.84
C SER B 479 -34.71 41.85 4.79
N ARG B 480 -34.83 43.02 4.13
CA ARG B 480 -35.89 43.21 3.14
C ARG B 480 -35.45 42.66 1.80
N ASN B 481 -35.97 41.46 1.45
CA ASN B 481 -35.66 40.73 0.23
C ASN B 481 -35.87 41.52 -1.07
N THR B 482 -36.98 42.27 -1.15
CA THR B 482 -37.33 43.09 -2.33
C THR B 482 -36.29 44.15 -2.62
N VAL B 483 -35.75 44.77 -1.55
CA VAL B 483 -34.71 45.80 -1.65
C VAL B 483 -33.42 45.17 -2.23
N SER B 484 -33.02 43.95 -1.73
CA SER B 484 -31.83 43.20 -2.18
C SER B 484 -31.91 42.91 -3.68
N VAL B 485 -33.05 42.36 -4.11
CA VAL B 485 -33.35 42.04 -5.51
C VAL B 485 -33.28 43.33 -6.36
N ARG B 486 -33.87 44.45 -5.87
CA ARG B 486 -33.83 45.75 -6.55
C ARG B 486 -32.38 46.29 -6.68
N LEU B 487 -31.58 46.21 -5.57
CA LEU B 487 -30.17 46.59 -5.58
C LEU B 487 -29.42 45.70 -6.58
N LEU B 488 -29.78 44.39 -6.63
CA LEU B 488 -29.15 43.43 -7.55
C LEU B 488 -29.45 43.75 -9.02
N GLN B 489 -30.64 44.36 -9.30
CA GLN B 489 -31.02 44.82 -10.63
C GLN B 489 -30.14 46.01 -10.99
N THR B 490 -30.10 47.05 -10.12
CA THR B 490 -29.29 48.27 -10.27
C THR B 490 -27.79 47.95 -10.50
N VAL B 491 -27.19 47.10 -9.64
CA VAL B 491 -25.76 46.74 -9.68
C VAL B 491 -25.35 45.69 -10.74
N GLY B 492 -26.28 44.81 -11.10
CA GLY B 492 -26.07 43.76 -12.10
C GLY B 492 -25.49 42.50 -11.50
N ILE B 493 -26.01 41.34 -11.96
CA ILE B 493 -25.59 40.00 -11.52
C ILE B 493 -24.07 39.81 -11.60
N GLU B 494 -23.45 40.03 -12.80
CA GLU B 494 -22.01 39.83 -12.99
C GLU B 494 -21.09 40.64 -12.08
N ARG B 495 -21.40 41.94 -11.85
CA ARG B 495 -20.62 42.77 -10.91
C ARG B 495 -20.68 42.18 -9.47
N THR B 496 -21.88 41.69 -9.04
CA THR B 496 -22.17 41.06 -7.73
C THR B 496 -21.44 39.72 -7.62
N ARG B 497 -21.57 38.83 -8.65
CA ARG B 497 -20.89 37.53 -8.68
C ARG B 497 -19.38 37.74 -8.56
N GLN B 498 -18.82 38.75 -9.26
CA GLN B 498 -17.41 39.11 -9.18
C GLN B 498 -17.04 39.61 -7.80
N LEU B 499 -17.95 40.39 -7.16
CA LEU B 499 -17.75 40.89 -5.81
C LEU B 499 -17.80 39.73 -4.79
N PHE B 500 -18.79 38.81 -4.91
CA PHE B 500 -18.92 37.62 -4.05
C PHE B 500 -17.62 36.80 -4.07
N MET B 501 -17.00 36.67 -5.26
CA MET B 501 -15.74 35.97 -5.47
C MET B 501 -14.62 36.67 -4.73
N ASP B 502 -14.48 37.99 -4.89
CA ASP B 502 -13.46 38.78 -4.20
C ASP B 502 -13.59 38.72 -2.66
N PHE B 503 -14.83 38.50 -2.15
CA PHE B 503 -15.07 38.36 -0.71
C PHE B 503 -14.67 37.00 -0.23
N GLY B 504 -14.35 36.08 -1.13
CA GLY B 504 -13.94 34.73 -0.78
C GLY B 504 -14.82 33.57 -1.22
N LEU B 505 -15.95 33.82 -1.95
CA LEU B 505 -16.86 32.75 -2.43
C LEU B 505 -16.38 32.07 -3.73
N GLN B 506 -16.93 30.88 -4.06
CA GLN B 506 -16.51 30.06 -5.21
C GLN B 506 -17.35 30.34 -6.45
N GLU B 507 -16.68 30.57 -7.61
CA GLU B 507 -17.35 30.87 -8.90
C GLU B 507 -18.45 29.87 -9.25
N ASP B 508 -18.09 28.59 -9.28
CA ASP B 508 -19.04 27.52 -9.62
C ASP B 508 -20.12 27.28 -8.57
N GLN B 509 -20.03 27.94 -7.40
CA GLN B 509 -21.04 27.78 -6.34
C GLN B 509 -22.02 28.94 -6.34
N ILE B 510 -21.71 30.03 -7.09
CA ILE B 510 -22.57 31.20 -7.20
C ILE B 510 -23.45 31.08 -8.47
N PRO B 511 -24.78 30.90 -8.29
CA PRO B 511 -25.69 30.87 -9.47
C PRO B 511 -25.67 32.16 -10.31
N ARG B 512 -26.16 32.09 -11.57
CA ARG B 512 -26.21 33.23 -12.47
C ARG B 512 -27.66 33.71 -12.60
N ASN B 513 -28.28 34.13 -11.47
CA ASN B 513 -29.66 34.64 -11.44
C ASN B 513 -29.89 35.69 -10.30
N TYR B 514 -31.16 36.14 -10.10
CA TYR B 514 -31.50 37.12 -9.08
C TYR B 514 -31.70 36.53 -7.67
N THR B 515 -31.70 35.19 -7.52
CA THR B 515 -31.87 34.55 -6.19
C THR B 515 -30.62 34.71 -5.28
N ILE B 516 -29.44 35.03 -5.87
CA ILE B 516 -28.18 35.23 -5.13
C ILE B 516 -28.28 36.36 -4.10
N ALA B 517 -29.18 37.35 -4.33
CA ALA B 517 -29.48 38.48 -3.44
C ALA B 517 -30.06 38.01 -2.12
N LEU B 518 -30.64 36.79 -2.09
CA LEU B 518 -31.27 36.19 -0.91
C LEU B 518 -30.32 35.23 -0.16
N GLY B 519 -29.20 34.88 -0.78
CA GLY B 519 -28.23 33.97 -0.17
C GLY B 519 -28.37 32.52 -0.56
N THR B 520 -28.60 32.29 -1.86
CA THR B 520 -28.73 30.96 -2.47
C THR B 520 -27.38 30.29 -2.79
N PRO B 521 -26.24 31.01 -3.00
CA PRO B 521 -24.97 30.29 -3.24
C PRO B 521 -24.57 29.28 -2.13
N GLN B 522 -23.71 28.30 -2.47
CA GLN B 522 -23.22 27.34 -1.47
C GLN B 522 -21.91 27.94 -0.97
N VAL B 523 -21.75 28.00 0.36
CA VAL B 523 -20.57 28.61 1.01
C VAL B 523 -20.07 27.72 2.13
N LEU B 524 -18.82 27.96 2.57
CA LEU B 524 -18.23 27.32 3.74
C LEU B 524 -18.19 28.42 4.78
N PRO B 525 -18.48 28.13 6.08
CA PRO B 525 -18.43 29.20 7.09
C PRO B 525 -17.12 29.98 7.14
N ILE B 526 -15.99 29.33 6.79
CA ILE B 526 -14.66 29.96 6.71
C ILE B 526 -14.63 31.07 5.65
N GLN B 527 -15.33 30.88 4.52
CA GLN B 527 -15.47 31.85 3.42
C GLN B 527 -16.27 33.05 3.91
N MET B 528 -17.37 32.81 4.64
CA MET B 528 -18.19 33.87 5.26
C MET B 528 -17.36 34.73 6.22
N ALA B 529 -16.48 34.08 7.06
CA ALA B 529 -15.59 34.83 7.96
C ALA B 529 -14.60 35.64 7.14
N THR B 530 -14.11 35.08 6.02
CA THR B 530 -13.19 35.79 5.12
C THR B 530 -13.87 37.07 4.62
N GLY B 531 -15.13 36.95 4.20
CA GLY B 531 -15.95 38.02 3.69
C GLY B 531 -16.15 39.12 4.69
N TYR B 532 -16.66 38.76 5.89
CA TYR B 532 -16.90 39.72 6.98
C TYR B 532 -15.65 40.44 7.47
N ALA B 533 -14.47 39.80 7.39
CA ALA B 533 -13.19 40.41 7.77
C ALA B 533 -13.00 41.73 7.03
N THR B 534 -13.50 41.80 5.79
CA THR B 534 -13.43 42.96 4.89
C THR B 534 -14.05 44.20 5.54
N PHE B 535 -15.11 44.00 6.31
CA PHE B 535 -15.83 45.06 7.00
C PHE B 535 -15.02 45.49 8.22
N ALA B 536 -14.51 44.51 8.96
CA ALA B 536 -13.71 44.73 10.16
C ALA B 536 -12.33 45.37 9.91
N ASN B 537 -11.70 45.10 8.73
CA ASN B 537 -10.34 45.57 8.40
C ASN B 537 -10.20 46.77 7.45
N GLY B 538 -11.33 47.38 7.07
CA GLY B 538 -11.26 48.54 6.19
C GLY B 538 -11.38 48.33 4.70
N GLY B 539 -11.81 47.13 4.29
CA GLY B 539 -12.06 46.84 2.88
C GLY B 539 -11.04 46.02 2.14
N TYR B 540 -10.30 45.20 2.88
CA TYR B 540 -9.23 44.36 2.33
C TYR B 540 -9.56 42.89 2.35
N ARG B 541 -9.02 42.17 1.39
CA ARG B 541 -9.20 40.72 1.35
C ARG B 541 -8.01 40.04 2.04
N VAL B 542 -8.31 39.30 3.07
CA VAL B 542 -7.32 38.52 3.78
C VAL B 542 -7.56 37.05 3.42
N GLN B 543 -6.59 36.19 3.66
CA GLN B 543 -6.72 34.77 3.36
C GLN B 543 -6.63 34.01 4.68
N PRO B 544 -7.59 33.11 4.98
CA PRO B 544 -7.53 32.35 6.23
C PRO B 544 -6.35 31.40 6.26
N HIS B 545 -5.58 31.47 7.33
CA HIS B 545 -4.40 30.64 7.53
C HIS B 545 -4.32 30.10 8.96
N PHE B 546 -3.80 28.85 9.13
CA PHE B 546 -3.65 28.24 10.43
C PHE B 546 -2.21 28.01 10.88
N ILE B 547 -1.22 28.04 9.97
CA ILE B 547 0.19 27.87 10.35
C ILE B 547 0.87 29.22 10.52
N GLN B 548 1.48 29.46 11.69
CA GLN B 548 2.26 30.66 11.98
C GLN B 548 3.71 30.36 11.53
N ARG B 549 4.27 29.21 11.96
CA ARG B 549 5.60 28.74 11.55
C ARG B 549 5.77 27.21 11.74
N ILE B 550 6.71 26.61 10.99
CA ILE B 550 7.09 25.21 11.15
C ILE B 550 8.59 25.20 11.53
N GLU B 551 8.95 24.37 12.51
CA GLU B 551 10.34 24.16 12.91
C GLU B 551 10.71 22.69 12.66
N ASP B 552 11.96 22.40 12.31
CA ASP B 552 12.38 21.01 12.19
C ASP B 552 12.62 20.45 13.62
N ALA B 553 12.88 19.14 13.77
CA ALA B 553 13.12 18.54 15.09
C ALA B 553 14.25 19.21 15.93
N TYR B 554 15.22 19.84 15.25
CA TYR B 554 16.38 20.52 15.84
C TYR B 554 16.20 22.04 16.13
N GLY B 555 14.93 22.50 16.12
CA GLY B 555 14.55 23.88 16.44
C GLY B 555 14.80 24.93 15.38
N LYS B 556 15.21 24.52 14.19
CA LYS B 556 15.43 25.47 13.09
C LYS B 556 14.09 25.83 12.45
N VAL B 557 13.85 27.11 12.25
CA VAL B 557 12.64 27.60 11.60
C VAL B 557 12.79 27.38 10.07
N ILE B 558 11.92 26.54 9.51
CA ILE B 558 11.97 26.17 8.08
C ILE B 558 10.85 26.79 7.24
N TYR B 559 9.82 27.32 7.94
CA TYR B 559 8.69 28.01 7.35
C TYR B 559 8.22 29.06 8.31
N GLU B 560 7.95 30.22 7.78
CA GLU B 560 7.37 31.33 8.52
C GLU B 560 6.33 31.92 7.63
N ALA B 561 5.13 32.02 8.15
CA ALA B 561 3.98 32.50 7.42
C ALA B 561 4.20 33.91 6.96
N LYS B 562 3.82 34.14 5.70
CA LYS B 562 3.96 35.45 5.08
C LYS B 562 2.54 35.86 4.67
N PRO B 563 1.64 36.20 5.65
CA PRO B 563 0.26 36.51 5.27
C PRO B 563 0.12 37.88 4.64
N GLU B 564 -0.99 38.05 3.92
CA GLU B 564 -1.33 39.34 3.32
C GLU B 564 -2.01 40.13 4.45
N TYR B 565 -1.51 41.34 4.74
CA TYR B 565 -2.05 42.16 5.81
C TYR B 565 -2.92 43.25 5.27
N ALA B 566 -4.04 43.49 5.96
CA ALA B 566 -4.95 44.56 5.63
C ALA B 566 -4.23 45.86 6.00
N CYS B 567 -3.74 45.92 7.24
CA CYS B 567 -3.04 47.06 7.80
C CYS B 567 -1.69 46.63 8.37
N ILE B 568 -0.59 46.87 7.60
CA ILE B 568 0.79 46.57 8.00
C ILE B 568 1.20 47.32 9.28
N PRO B 569 0.87 48.64 9.46
CA PRO B 569 1.21 49.29 10.75
C PRO B 569 0.45 48.73 11.96
N CYS B 570 -0.73 48.11 11.77
CA CYS B 570 -1.53 47.55 12.86
C CYS B 570 -0.93 46.36 13.58
N ILE B 571 0.00 45.64 12.93
CA ILE B 571 0.67 44.44 13.46
C ILE B 571 1.16 44.62 14.91
N ASN B 572 1.78 45.78 15.25
CA ASN B 572 2.24 46.12 16.59
C ASN B 572 1.20 47.04 17.26
N GLN B 618 5.97 44.71 8.13
CA GLN B 618 6.39 44.58 6.73
C GLN B 618 5.91 43.26 6.10
N TYR B 619 5.99 43.23 4.75
CA TYR B 619 5.65 42.19 3.79
C TYR B 619 4.18 42.20 3.40
N ARG B 620 3.81 41.35 2.42
CA ARG B 620 2.51 41.16 1.81
C ARG B 620 1.34 42.08 2.23
N GLN B 621 1.04 43.09 1.40
CA GLN B 621 -0.10 43.98 1.57
C GLN B 621 -1.29 43.34 0.86
N ALA B 622 -2.43 43.17 1.59
CA ALA B 622 -3.66 42.60 1.07
C ALA B 622 -4.30 43.58 0.07
N GLN B 623 -4.99 43.02 -0.94
CA GLN B 623 -5.69 43.80 -1.94
C GLN B 623 -6.92 44.46 -1.37
N ARG B 624 -7.15 45.72 -1.74
CA ARG B 624 -8.34 46.43 -1.32
C ARG B 624 -9.48 45.99 -2.24
N ILE B 625 -10.59 45.47 -1.68
CA ILE B 625 -11.77 45.04 -2.45
C ILE B 625 -13.00 46.00 -2.32
N LEU B 626 -12.96 46.93 -1.33
CA LEU B 626 -14.01 47.92 -1.08
C LEU B 626 -13.35 49.24 -0.76
N LYS B 627 -14.08 50.35 -0.96
CA LYS B 627 -13.62 51.68 -0.58
C LYS B 627 -13.65 51.69 0.95
N SER B 628 -12.74 52.45 1.59
CA SER B 628 -12.75 52.56 3.05
C SER B 628 -14.16 52.99 3.50
N SER B 629 -14.72 54.06 2.88
CA SER B 629 -16.08 54.53 3.14
C SER B 629 -17.09 53.39 3.13
N SER B 630 -17.01 52.45 2.16
CA SER B 630 -17.92 51.29 2.03
C SER B 630 -17.77 50.26 3.14
N ALA B 631 -16.50 49.82 3.48
CA ALA B 631 -16.25 48.91 4.62
C ALA B 631 -16.68 49.55 5.93
N TYR B 632 -16.37 50.87 6.10
CA TYR B 632 -16.73 51.68 7.26
C TYR B 632 -18.26 51.79 7.42
N ASP B 633 -18.97 52.26 6.37
CA ASP B 633 -20.42 52.39 6.39
C ASP B 633 -21.07 51.04 6.65
N MET B 634 -20.55 49.97 6.01
CA MET B 634 -21.14 48.67 6.22
C MET B 634 -20.94 48.19 7.66
N ALA B 635 -19.72 48.37 8.19
CA ALA B 635 -19.44 48.02 9.58
C ALA B 635 -20.44 48.73 10.53
N ASN B 636 -20.72 50.05 10.30
CA ASN B 636 -21.67 50.79 11.15
C ASN B 636 -23.10 50.33 11.00
N ILE B 637 -23.50 49.95 9.78
CA ILE B 637 -24.85 49.40 9.57
C ILE B 637 -24.95 48.08 10.38
N LEU B 638 -23.91 47.22 10.30
CA LEU B 638 -23.89 45.96 11.02
C LEU B 638 -23.89 46.13 12.55
N ARG B 639 -23.30 47.23 13.05
CA ARG B 639 -23.32 47.53 14.48
C ARG B 639 -24.75 47.92 14.88
N ASP B 640 -25.51 48.51 13.93
CA ASP B 640 -26.91 48.90 14.13
C ASP B 640 -27.80 47.68 14.25
N VAL B 641 -27.54 46.65 13.40
CA VAL B 641 -28.22 45.35 13.46
C VAL B 641 -28.14 44.83 14.90
N ILE B 642 -26.95 44.90 15.52
CA ILE B 642 -26.76 44.49 16.90
C ILE B 642 -27.40 45.45 17.92
N GLU B 643 -27.54 46.73 17.61
CA GLU B 643 -28.12 47.66 18.59
C GLU B 643 -29.62 47.93 18.44
N HIS B 644 -30.35 46.97 17.83
CA HIS B 644 -31.81 47.00 17.63
C HIS B 644 -32.43 45.59 17.90
N GLY B 645 -32.86 44.89 16.83
CA GLY B 645 -33.51 43.58 16.83
C GLY B 645 -32.69 42.41 17.35
N THR B 646 -31.69 41.94 16.55
CA THR B 646 -30.80 40.85 16.99
C THR B 646 -29.28 41.18 17.04
N GLY B 647 -28.90 42.19 17.81
CA GLY B 647 -29.83 43.12 18.46
C GLY B 647 -30.00 42.97 19.94
N ARG B 648 -31.27 43.11 20.38
CA ARG B 648 -31.65 43.04 21.79
C ARG B 648 -31.02 41.84 22.54
N ALA B 649 -30.64 40.78 21.77
CA ALA B 649 -29.98 39.58 22.24
C ALA B 649 -28.47 39.81 22.37
N ALA B 650 -27.81 40.30 21.30
CA ALA B 650 -26.38 40.57 21.21
C ALA B 650 -25.88 41.71 22.13
N LEU B 651 -26.70 42.77 22.34
CA LEU B 651 -26.34 43.88 23.24
C LEU B 651 -26.27 43.49 24.75
N LYS B 652 -26.44 42.17 25.06
CA LYS B 652 -26.30 41.58 26.39
C LYS B 652 -24.78 41.47 26.73
N ILE B 653 -23.92 41.68 25.71
CA ILE B 653 -22.47 41.78 25.85
C ILE B 653 -22.30 43.30 26.02
N GLY B 654 -21.75 43.71 27.15
CA GLY B 654 -21.52 45.12 27.44
C GLY B 654 -20.27 45.60 26.70
N ARG B 655 -20.43 45.74 25.37
CA ARG B 655 -19.39 46.15 24.43
C ARG B 655 -20.05 46.99 23.34
N SER B 656 -19.34 47.99 22.82
CA SER B 656 -19.86 48.93 21.81
C SER B 656 -19.15 48.80 20.45
N ASP B 657 -18.29 47.78 20.31
CA ASP B 657 -17.49 47.54 19.10
C ASP B 657 -17.94 46.30 18.36
N LEU B 658 -19.22 45.93 18.47
CA LEU B 658 -19.70 44.73 17.80
C LEU B 658 -20.71 45.02 16.70
N GLY B 659 -20.52 44.32 15.59
CA GLY B 659 -21.39 44.39 14.43
C GLY B 659 -21.68 42.98 13.96
N GLY B 660 -22.83 42.75 13.36
CA GLY B 660 -23.17 41.41 12.91
C GLY B 660 -24.45 41.33 12.11
N LYS B 661 -24.64 40.21 11.40
CA LYS B 661 -25.83 39.96 10.60
C LYS B 661 -26.30 38.53 10.81
N THR B 662 -27.59 38.35 11.09
CA THR B 662 -28.24 37.02 11.26
C THR B 662 -28.67 36.51 9.90
N GLY B 663 -28.85 35.20 9.78
CA GLY B 663 -29.33 34.58 8.57
C GLY B 663 -30.14 33.32 8.83
N THR B 664 -31.13 33.06 7.97
CA THR B 664 -31.99 31.89 8.01
C THR B 664 -32.34 31.54 6.60
N THR B 665 -32.15 30.29 6.23
CA THR B 665 -32.56 29.82 4.93
C THR B 665 -34.02 29.33 5.00
N ASN B 666 -34.61 29.04 3.83
CA ASN B 666 -35.96 28.53 3.66
C ASN B 666 -36.29 27.42 4.66
N ASP B 667 -37.41 27.57 5.39
CA ASP B 667 -37.91 26.57 6.34
C ASP B 667 -36.90 26.28 7.48
N ALA B 668 -36.14 27.31 7.88
CA ALA B 668 -35.14 27.24 8.95
C ALA B 668 -34.17 26.03 8.83
N LYS B 669 -33.79 25.64 7.59
CA LYS B 669 -32.84 24.53 7.44
C LYS B 669 -31.40 24.93 7.89
N ASP B 670 -31.16 26.23 8.11
CA ASP B 670 -29.89 26.81 8.55
C ASP B 670 -30.18 28.02 9.37
N ALA B 671 -29.37 28.22 10.43
CA ALA B 671 -29.38 29.36 11.35
C ALA B 671 -27.95 29.82 11.42
N TRP B 672 -27.70 31.09 11.00
CA TRP B 672 -26.39 31.69 10.94
C TRP B 672 -26.27 33.00 11.67
N PHE B 673 -25.06 33.24 12.17
CA PHE B 673 -24.65 34.52 12.68
C PHE B 673 -23.20 34.79 12.34
N ALA B 674 -22.96 35.93 11.66
CA ALA B 674 -21.64 36.40 11.24
C ALA B 674 -21.48 37.77 11.85
N GLY B 675 -20.45 37.94 12.67
CA GLY B 675 -20.20 39.18 13.38
C GLY B 675 -18.76 39.39 13.77
N PHE B 676 -18.43 40.62 14.18
CA PHE B 676 -17.06 41.00 14.48
C PHE B 676 -16.90 42.20 15.39
N ASN B 677 -15.64 42.48 15.68
CA ASN B 677 -15.07 43.67 16.29
C ASN B 677 -13.81 43.87 15.40
N GLY B 678 -13.01 44.91 15.62
CA GLY B 678 -11.82 45.17 14.82
C GLY B 678 -10.69 44.16 14.96
N LYS B 679 -10.80 43.26 15.96
CA LYS B 679 -9.75 42.27 16.26
C LYS B 679 -10.15 40.82 16.12
N LEU B 680 -11.43 40.51 15.95
CA LEU B 680 -11.90 39.13 15.84
C LEU B 680 -13.22 39.03 15.06
N VAL B 681 -13.28 38.11 14.06
CA VAL B 681 -14.46 37.83 13.21
C VAL B 681 -14.90 36.40 13.53
N THR B 682 -16.17 36.23 13.92
CA THR B 682 -16.72 34.91 14.25
C THR B 682 -17.97 34.65 13.44
N VAL B 683 -18.07 33.41 12.90
CA VAL B 683 -19.22 32.92 12.17
C VAL B 683 -19.68 31.63 12.89
N THR B 684 -20.95 31.61 13.31
CA THR B 684 -21.60 30.46 13.93
C THR B 684 -22.72 29.97 13.02
N TRP B 685 -22.92 28.66 12.96
CA TRP B 685 -23.95 28.00 12.16
C TRP B 685 -24.53 26.85 13.00
N VAL B 686 -25.82 26.63 12.86
CA VAL B 686 -26.58 25.54 13.50
C VAL B 686 -27.49 25.00 12.40
N GLY B 687 -27.54 23.67 12.28
CA GLY B 687 -28.39 22.98 11.32
C GLY B 687 -28.17 21.50 11.36
N PHE B 688 -29.05 20.71 10.68
CA PHE B 688 -28.91 19.26 10.55
C PHE B 688 -28.12 18.94 9.27
N ASP B 689 -27.21 17.93 9.38
CA ASP B 689 -26.37 17.44 8.26
C ASP B 689 -27.20 17.06 7.03
N GLN B 690 -28.35 16.37 7.24
CA GLN B 690 -29.31 16.09 6.17
C GLN B 690 -30.31 17.20 6.39
N PRO B 691 -30.30 18.25 5.53
CA PRO B 691 -31.14 19.43 5.79
C PRO B 691 -32.62 19.23 6.06
N THR B 692 -33.01 19.61 7.28
CA THR B 692 -34.37 19.53 7.84
C THR B 692 -34.60 20.83 8.55
N THR B 693 -35.88 21.15 8.75
CA THR B 693 -36.28 22.30 9.52
C THR B 693 -35.85 22.16 10.98
N LEU B 694 -35.31 23.26 11.51
CA LEU B 694 -34.90 23.37 12.88
C LEU B 694 -36.12 23.63 13.76
N GLY B 695 -37.22 24.06 13.14
CA GLY B 695 -38.48 24.42 13.78
C GLY B 695 -38.91 25.82 13.37
N ARG B 696 -40.23 26.09 13.31
CA ARG B 696 -40.84 27.38 12.94
C ARG B 696 -40.14 28.56 13.60
N ARG B 697 -40.03 28.48 14.94
CA ARG B 697 -39.46 29.50 15.82
C ARG B 697 -37.93 29.65 15.77
N GLU B 698 -37.21 28.86 14.94
CA GLU B 698 -35.74 28.80 14.97
C GLU B 698 -34.87 29.63 13.99
N TYR B 699 -35.10 30.97 13.90
CA TYR B 699 -34.27 31.86 13.06
C TYR B 699 -32.78 31.92 13.52
N GLY B 700 -31.89 32.36 12.63
CA GLY B 700 -30.47 32.55 12.91
C GLY B 700 -30.28 33.22 14.25
N GLY B 701 -30.99 34.33 14.44
CA GLY B 701 -31.01 35.10 15.68
C GLY B 701 -31.35 34.35 16.96
N ILE B 702 -31.97 33.13 16.83
CA ILE B 702 -32.40 32.26 17.93
C ILE B 702 -31.48 31.06 18.22
N ALA B 703 -31.06 30.34 17.18
CA ALA B 703 -30.24 29.14 17.35
C ALA B 703 -28.69 29.36 17.33
N ALA B 704 -28.16 30.18 16.38
CA ALA B 704 -26.73 30.49 16.19
C ALA B 704 -26.21 31.66 17.02
N LEU B 705 -26.96 32.80 17.07
CA LEU B 705 -26.59 34.00 17.84
C LEU B 705 -26.18 33.71 19.31
N PRO B 706 -26.90 32.85 20.08
CA PRO B 706 -26.45 32.53 21.46
C PRO B 706 -25.02 31.98 21.54
N ILE B 707 -24.61 31.14 20.58
CA ILE B 707 -23.27 30.55 20.57
C ILE B 707 -22.27 31.68 20.33
N TRP B 708 -22.56 32.54 19.34
CA TRP B 708 -21.75 33.69 18.95
C TRP B 708 -21.58 34.62 20.14
N ILE B 709 -22.70 34.89 20.89
CA ILE B 709 -22.70 35.72 22.10
C ILE B 709 -21.78 35.15 23.18
N ASN B 710 -21.93 33.86 23.58
CA ASN B 710 -21.04 33.28 24.62
C ASN B 710 -19.58 33.33 24.21
N PHE B 711 -19.30 32.99 22.94
CA PHE B 711 -17.91 33.01 22.46
C PHE B 711 -17.33 34.43 22.54
N MET B 712 -17.97 35.38 21.85
CA MET B 712 -17.51 36.77 21.77
C MET B 712 -17.35 37.45 23.12
N GLY B 713 -18.32 37.22 24.01
CA GLY B 713 -18.28 37.81 25.34
C GLY B 713 -17.06 37.38 26.14
N GLN B 714 -16.75 36.06 26.08
CA GLN B 714 -15.62 35.51 26.83
C GLN B 714 -14.29 35.75 26.15
N ALA B 715 -14.25 35.56 24.81
CA ALA B 715 -13.07 35.78 23.97
C ALA B 715 -12.58 37.25 24.08
N LEU B 716 -13.52 38.19 24.00
CA LEU B 716 -13.20 39.61 24.07
C LEU B 716 -13.11 40.20 25.49
N GLN B 717 -13.57 39.46 26.51
CA GLN B 717 -13.51 39.86 27.93
C GLN B 717 -12.14 40.47 28.28
N GLY B 718 -12.16 41.68 28.82
CA GLY B 718 -10.95 42.39 29.23
C GLY B 718 -10.02 42.85 28.13
N THR B 719 -10.59 43.28 27.00
CA THR B 719 -9.86 43.85 25.87
C THR B 719 -10.55 45.20 25.60
N PRO B 720 -9.82 46.28 25.33
CA PRO B 720 -10.49 47.56 25.05
C PRO B 720 -11.32 47.56 23.76
N ALA B 721 -12.13 48.60 23.55
CA ALA B 721 -12.91 48.75 22.32
C ALA B 721 -11.99 48.68 21.10
N ALA B 722 -12.43 47.97 20.05
CA ALA B 722 -11.66 47.82 18.82
C ALA B 722 -12.63 47.89 17.68
N TRP B 723 -12.68 49.04 17.02
CA TRP B 723 -13.58 49.25 15.91
C TRP B 723 -12.81 49.51 14.60
N VAL B 724 -13.53 49.55 13.47
CA VAL B 724 -13.02 49.81 12.14
C VAL B 724 -12.50 51.26 12.02
N1 UE1 C . 15.31 -45.57 -16.90
C2 UE1 C . 15.89 -45.00 -18.00
N3 UE1 C . 15.73 -45.88 -19.04
C4 UE1 C . 14.99 -46.97 -18.57
N5 UE1 C . 14.74 -46.78 -17.31
N6 UE1 C . 6.31 -42.82 -10.93
C7 UE1 C . 6.25 -41.84 -10.08
S8 UE1 C . 7.54 -42.01 -8.89
C9 UE1 C . 8.11 -43.45 -9.72
C10 UE1 C . 11.08 -46.08 -11.84
C11 UE1 C . 12.19 -45.07 -11.67
N12 UE1 C . 12.61 -46.96 -13.44
C13 UE1 C . 11.25 -47.14 -12.97
O14 UE1 C . 12.14 -43.95 -12.14
N15 UE1 C . 9.84 -45.35 -12.04
C16 UE1 C . 8.71 -45.71 -11.38
O17 UE1 C . 8.67 -46.65 -10.62
C18 UE1 C . 7.52 -44.89 -11.65
N19 UE1 C . 6.71 -45.27 -12.61
O20 UE1 C . 6.97 -46.49 -13.34
C21 UE1 C . 6.88 -46.61 -14.78
C22 UE1 C . 8.16 -46.15 -15.46
C23 UE1 C . 6.64 -48.11 -15.03
C24 UE1 C . 5.64 -45.93 -15.38
O25 UE1 C . 9.13 -45.77 -14.82
O26 UE1 C . 8.31 -46.15 -16.69
C27 UE1 C . 7.32 -43.69 -10.79
N28 UE1 C . 5.30 -40.84 -10.10
C29 UE1 C . 13.00 -46.10 -14.39
O30 UE1 C . 12.22 -45.52 -15.13
N31 UE1 C . 14.33 -45.97 -14.44
S32 UE1 C . 15.19 -44.93 -15.36
O33 UE1 C . 16.44 -44.96 -14.71
O34 UE1 C . 14.43 -43.74 -15.44
O35 UE1 C . 16.46 -43.91 -18.02
C36 UE1 C . 16.22 -45.73 -20.44
C37 UE1 C . 17.67 -45.19 -20.60
C38 UE1 C . 17.95 -44.87 -22.06
O39 UE1 C . 18.64 -46.12 -20.09
O40 UE1 C . 19.18 -44.16 -22.18
C41 UE1 C . 14.36 -48.10 -19.31
N42 UE1 C . 13.17 -48.59 -18.80
C43 UE1 C . 12.46 -49.58 -19.44
C44 UE1 C . 12.92 -50.13 -20.59
C45 UE1 C . 14.16 -49.66 -21.16
C46 UE1 C . 14.87 -48.62 -20.50
O47 UE1 C . 14.59 -50.13 -22.21
O48 UE1 C . 12.19 -51.11 -21.21
N1 UE1 D . -33.89 37.08 10.72
C2 UE1 D . -33.74 36.59 11.98
N3 UE1 D . -34.90 36.81 12.64
C4 UE1 D . -35.81 37.38 11.75
N5 UE1 D . -35.21 37.53 10.61
N6 UE1 D . -33.55 30.62 1.79
C7 UE1 D . -32.57 30.21 1.08
S8 UE1 D . -31.51 31.53 0.60
C9 UE1 D . -32.56 32.62 1.50
C10 UE1 D . -34.08 35.98 4.13
C11 UE1 D . -32.68 36.26 4.66
N12 UE1 D . -34.61 36.80 6.24
C13 UE1 D . -35.26 36.22 5.10
O14 UE1 D . -32.17 35.55 5.51
N15 UE1 D . -34.12 34.56 3.91
C16 UE1 D . -34.58 34.03 2.78
O17 UE1 D . -34.93 34.68 1.81
C18 UE1 D . -34.59 32.57 2.82
N19 UE1 D . -35.42 31.95 3.61
O20 UE1 D . -36.35 32.73 4.40
C21 UE1 D . -37.37 32.14 5.24
C22 UE1 D . -38.09 33.29 5.90
C23 UE1 D . -38.37 31.34 4.40
C24 UE1 D . -36.80 31.26 6.37
O25 UE1 D . -38.06 34.39 5.35
O26 UE1 D . -38.69 33.13 6.96
C27 UE1 D . -33.57 31.91 2.03
N28 UE1 D . -32.37 28.90 0.77
C29 UE1 D . -34.38 36.32 7.46
O30 UE1 D . -34.87 35.30 7.95
N31 UE1 D . -33.53 37.17 8.04
S32 UE1 D . -32.79 37.02 9.48
O33 UE1 D . -31.94 38.17 9.45
O34 UE1 D . -32.34 35.68 9.51
O35 UE1 D . -32.73 36.07 12.45
C36 UE1 D . -35.16 36.48 14.06
C37 UE1 D . -34.37 37.37 15.02
C38 UE1 D . -35.04 37.35 16.39
O39 UE1 D . -34.29 38.71 14.52
O40 UE1 D . -36.17 38.23 16.41
C41 UE1 D . -37.26 37.65 11.93
N42 UE1 D . -38.11 37.26 10.93
C43 UE1 D . -39.46 37.43 10.99
C44 UE1 D . -40.01 38.03 12.09
C45 UE1 D . -39.16 38.47 13.16
C46 UE1 D . -37.76 38.26 13.06
O47 UE1 D . -39.65 39.00 14.15
O48 UE1 D . -41.37 38.22 12.17
#